data_7AT7
#
_entry.id   7AT7
#
_entity_poly.entity_id   1
_entity_poly.type   'polypeptide(L)'
_entity_poly.pdbx_seq_one_letter_code
;RRCLFLPLFSFLIVAGATTLFCLLHFGVIGPQR
;
_entity_poly.pdbx_strand_id   A
#
# COMPACT_ATOMS: atom_id res chain seq x y z
N ARG A 1 5.04 -16.17 -13.49
CA ARG A 1 4.67 -15.13 -12.49
C ARG A 1 3.22 -14.72 -12.63
N ARG A 2 2.48 -15.42 -13.48
CA ARG A 2 1.08 -15.14 -13.70
C ARG A 2 0.19 -16.18 -13.01
N CYS A 3 -0.82 -15.71 -12.29
CA CYS A 3 -1.72 -16.60 -11.58
C CYS A 3 -3.18 -16.22 -11.85
N LEU A 4 -4.07 -17.20 -11.72
CA LEU A 4 -5.49 -16.97 -11.95
C LEU A 4 -6.17 -16.43 -10.71
N PHE A 5 -5.41 -15.64 -9.93
CA PHE A 5 -5.94 -15.06 -8.70
C PHE A 5 -5.03 -13.91 -8.23
N LEU A 6 -4.05 -13.57 -9.06
CA LEU A 6 -3.10 -12.51 -8.75
C LEU A 6 -3.77 -11.13 -8.77
N PRO A 7 -4.56 -10.82 -9.83
CA PRO A 7 -5.23 -9.51 -9.94
C PRO A 7 -6.06 -9.16 -8.71
N LEU A 8 -6.48 -10.18 -7.96
CA LEU A 8 -7.28 -9.96 -6.75
C LEU A 8 -6.40 -9.89 -5.52
N PHE A 9 -5.63 -10.96 -5.27
CA PHE A 9 -4.75 -11.02 -4.11
C PHE A 9 -3.81 -9.80 -4.07
N SER A 10 -3.59 -9.19 -5.23
CA SER A 10 -2.73 -8.02 -5.33
C SER A 10 -3.47 -6.77 -4.89
N PHE A 11 -4.78 -6.74 -5.14
CA PHE A 11 -5.60 -5.59 -4.76
C PHE A 11 -5.47 -5.33 -3.27
N LEU A 12 -5.24 -6.39 -2.50
CA LEU A 12 -5.08 -6.27 -1.07
C LEU A 12 -3.65 -5.85 -0.72
N ILE A 13 -2.72 -6.21 -1.59
CA ILE A 13 -1.31 -5.87 -1.42
C ILE A 13 -1.09 -4.38 -1.64
N VAL A 14 -1.84 -3.81 -2.58
CA VAL A 14 -1.73 -2.39 -2.90
C VAL A 14 -2.44 -1.55 -1.85
N ALA A 15 -3.65 -1.96 -1.49
CA ALA A 15 -4.45 -1.24 -0.49
C ALA A 15 -3.67 -1.08 0.81
N GLY A 16 -2.88 -2.08 1.15
CA GLY A 16 -2.09 -2.03 2.36
C GLY A 16 -0.80 -1.26 2.17
N ALA A 17 -0.33 -1.20 0.93
CA ALA A 17 0.91 -0.49 0.62
C ALA A 17 0.68 1.02 0.59
N THR A 18 -0.56 1.43 0.39
CA THR A 18 -0.89 2.85 0.35
C THR A 18 -0.70 3.49 1.72
N THR A 19 -0.93 2.71 2.77
CA THR A 19 -0.78 3.21 4.13
C THR A 19 0.68 3.48 4.44
N LEU A 20 1.57 2.66 3.86
CA LEU A 20 3.00 2.81 4.06
C LEU A 20 3.55 3.98 3.26
N PHE A 21 3.10 4.08 2.00
CA PHE A 21 3.54 5.16 1.12
C PHE A 21 3.15 6.51 1.68
N CYS A 22 1.93 6.60 2.20
CA CYS A 22 1.43 7.84 2.78
C CYS A 22 2.05 8.09 4.15
N LEU A 23 2.50 7.02 4.79
CA LEU A 23 3.11 7.09 6.11
C LEU A 23 4.35 7.98 6.07
N LEU A 24 5.19 7.77 5.05
CA LEU A 24 6.42 8.54 4.89
C LEU A 24 6.12 9.91 4.27
N HIS A 25 5.01 10.00 3.55
CA HIS A 25 4.62 11.25 2.92
C HIS A 25 4.31 12.32 3.97
N PHE A 26 4.01 11.88 5.18
CA PHE A 26 3.70 12.79 6.28
C PHE A 26 4.88 13.71 6.56
N GLY A 27 6.07 13.31 6.11
CA GLY A 27 7.27 14.09 6.32
C GLY A 27 8.27 13.39 7.20
N VAL A 28 8.17 12.07 7.27
CA VAL A 28 9.08 11.26 8.07
C VAL A 28 10.47 11.23 7.45
N ILE A 29 10.52 11.28 6.13
CA ILE A 29 11.78 11.25 5.41
C ILE A 29 11.91 12.43 4.45
N GLY A 30 10.78 13.00 4.10
CA GLY A 30 10.76 14.14 3.18
C GLY A 30 10.82 13.71 1.73
N PRO A 31 11.26 14.59 0.82
CA PRO A 31 11.37 14.28 -0.61
C PRO A 31 12.58 13.42 -0.93
N GLN A 32 13.19 12.84 0.10
CA GLN A 32 14.36 11.99 -0.08
C GLN A 32 14.03 10.53 0.22
N ARG A 33 13.64 9.80 -0.81
CA ARG A 33 13.29 8.39 -0.67
C ARG A 33 14.50 7.50 -0.96
N ARG A 1 -25.27 -13.55 -0.83
CA ARG A 1 -24.83 -12.70 0.30
C ARG A 1 -23.57 -13.25 0.94
N ARG A 2 -22.97 -14.25 0.31
CA ARG A 2 -21.76 -14.87 0.83
C ARG A 2 -20.54 -14.49 -0.01
N CYS A 3 -19.36 -14.81 0.50
CA CYS A 3 -18.11 -14.51 -0.19
C CYS A 3 -17.66 -15.68 -1.08
N LEU A 4 -17.59 -15.43 -2.38
CA LEU A 4 -17.17 -16.45 -3.33
C LEU A 4 -15.72 -16.23 -3.76
N PHE A 5 -15.48 -15.15 -4.47
CA PHE A 5 -14.14 -14.81 -4.95
C PHE A 5 -13.75 -13.40 -4.53
N LEU A 6 -14.73 -12.49 -4.61
CA LEU A 6 -14.55 -11.08 -4.26
C LEU A 6 -13.16 -10.55 -4.64
N PRO A 7 -13.05 -9.81 -5.77
CA PRO A 7 -11.78 -9.24 -6.23
C PRO A 7 -11.24 -8.22 -5.25
N LEU A 8 -12.02 -7.93 -4.22
CA LEU A 8 -11.64 -6.97 -3.19
C LEU A 8 -10.36 -7.43 -2.47
N PHE A 9 -9.97 -8.68 -2.70
CA PHE A 9 -8.77 -9.23 -2.07
C PHE A 9 -7.51 -8.48 -2.49
N SER A 10 -7.27 -8.39 -3.79
CA SER A 10 -6.09 -7.69 -4.30
C SER A 10 -6.10 -6.23 -3.87
N PHE A 11 -7.28 -5.67 -3.64
CA PHE A 11 -7.40 -4.29 -3.22
C PHE A 11 -6.64 -4.07 -1.92
N LEU A 12 -6.71 -5.05 -1.03
CA LEU A 12 -6.01 -4.98 0.25
C LEU A 12 -4.52 -5.19 0.05
N ILE A 13 -4.18 -5.90 -1.02
CA ILE A 13 -2.78 -6.17 -1.35
C ILE A 13 -2.08 -4.89 -1.82
N VAL A 14 -2.80 -4.08 -2.60
CA VAL A 14 -2.26 -2.84 -3.12
C VAL A 14 -2.38 -1.72 -2.09
N ALA A 15 -3.47 -1.74 -1.32
CA ALA A 15 -3.71 -0.74 -0.30
C ALA A 15 -2.63 -0.76 0.77
N GLY A 16 -2.05 -1.94 1.00
CA GLY A 16 -1.02 -2.08 2.01
C GLY A 16 0.28 -1.40 1.59
N ALA A 17 0.70 -1.65 0.35
CA ALA A 17 1.92 -1.05 -0.18
C ALA A 17 1.86 0.47 -0.16
N THR A 18 0.65 1.00 -0.34
CA THR A 18 0.45 2.45 -0.35
C THR A 18 0.41 3.01 1.05
N THR A 19 0.03 2.18 2.01
CA THR A 19 -0.05 2.59 3.41
C THR A 19 1.34 2.95 3.93
N LEU A 20 2.37 2.39 3.31
CA LEU A 20 3.75 2.65 3.70
C LEU A 20 4.28 3.93 3.06
N PHE A 21 4.09 4.05 1.75
CA PHE A 21 4.55 5.23 1.02
C PHE A 21 3.85 6.49 1.53
N CYS A 22 2.57 6.35 1.83
CA CYS A 22 1.77 7.46 2.32
C CYS A 22 1.99 7.67 3.82
N LEU A 23 2.44 6.63 4.50
CA LEU A 23 2.70 6.69 5.94
C LEU A 23 3.45 7.95 6.34
N LEU A 24 4.57 8.20 5.66
CA LEU A 24 5.39 9.37 5.95
C LEU A 24 4.70 10.68 5.55
N HIS A 25 4.31 10.76 4.28
CA HIS A 25 3.65 11.96 3.75
C HIS A 25 2.33 12.22 4.47
N PHE A 26 1.85 11.25 5.23
CA PHE A 26 0.60 11.39 5.96
C PHE A 26 0.65 12.56 6.93
N GLY A 27 1.86 12.90 7.39
CA GLY A 27 2.02 14.00 8.31
C GLY A 27 2.51 13.54 9.66
N VAL A 28 3.09 12.35 9.72
CA VAL A 28 3.60 11.79 10.97
C VAL A 28 4.68 12.68 11.56
N ILE A 29 5.40 13.39 10.70
CA ILE A 29 6.47 14.28 11.14
C ILE A 29 6.16 15.72 10.80
N GLY A 30 5.24 15.92 9.87
CA GLY A 30 4.85 17.26 9.45
C GLY A 30 6.03 18.05 8.91
N PRO A 31 5.91 19.40 8.89
CA PRO A 31 6.99 20.27 8.40
C PRO A 31 8.05 20.53 9.44
N GLN A 32 8.39 19.49 10.21
CA GLN A 32 9.40 19.58 11.26
C GLN A 32 9.02 20.65 12.29
N ARG A 33 8.13 20.29 13.21
CA ARG A 33 7.69 21.21 14.25
C ARG A 33 8.64 21.18 15.44
N ARG A 1 -7.29 -21.26 -7.89
CA ARG A 1 -6.54 -21.55 -9.13
C ARG A 1 -7.33 -21.10 -10.36
N ARG A 2 -8.34 -20.28 -10.15
CA ARG A 2 -9.18 -19.78 -11.23
C ARG A 2 -9.08 -18.26 -11.35
N CYS A 3 -9.00 -17.78 -12.58
CA CYS A 3 -8.90 -16.35 -12.83
C CYS A 3 -10.20 -15.64 -12.46
N LEU A 4 -10.29 -15.17 -11.21
CA LEU A 4 -11.47 -14.49 -10.73
C LEU A 4 -11.11 -13.45 -9.67
N PHE A 5 -10.42 -13.90 -8.62
CA PHE A 5 -10.00 -13.02 -7.54
C PHE A 5 -8.50 -12.82 -7.55
N LEU A 6 -7.81 -13.47 -8.48
CA LEU A 6 -6.36 -13.36 -8.58
C LEU A 6 -5.95 -11.90 -8.86
N PRO A 7 -6.55 -11.24 -9.88
CA PRO A 7 -6.22 -9.85 -10.21
C PRO A 7 -6.68 -8.88 -9.13
N LEU A 8 -7.67 -9.31 -8.34
CA LEU A 8 -8.21 -8.50 -7.27
C LEU A 8 -7.34 -8.60 -6.01
N PHE A 9 -6.58 -9.69 -5.93
CA PHE A 9 -5.70 -9.90 -4.78
C PHE A 9 -4.67 -8.79 -4.67
N SER A 10 -4.33 -8.18 -5.80
CA SER A 10 -3.36 -7.09 -5.83
C SER A 10 -3.94 -5.86 -5.16
N PHE A 11 -5.26 -5.76 -5.13
CA PHE A 11 -5.95 -4.63 -4.50
C PHE A 11 -5.78 -4.69 -2.99
N LEU A 12 -5.68 -5.90 -2.46
CA LEU A 12 -5.50 -6.11 -1.03
C LEU A 12 -4.05 -5.87 -0.66
N ILE A 13 -3.17 -6.07 -1.63
CA ILE A 13 -1.74 -5.87 -1.44
C ILE A 13 -1.37 -4.41 -1.67
N VAL A 14 -2.17 -3.73 -2.50
CA VAL A 14 -1.94 -2.33 -2.81
C VAL A 14 -2.54 -1.43 -1.74
N ALA A 15 -3.64 -1.89 -1.13
CA ALA A 15 -4.31 -1.15 -0.08
C ALA A 15 -3.38 -0.94 1.11
N GLY A 16 -2.58 -1.96 1.41
CA GLY A 16 -1.65 -1.86 2.53
C GLY A 16 -0.38 -1.15 2.14
N ALA A 17 0.07 -1.36 0.91
CA ALA A 17 1.28 -0.72 0.42
C ALA A 17 1.14 0.79 0.38
N THR A 18 -0.10 1.25 0.15
CA THR A 18 -0.38 2.68 0.10
C THR A 18 -0.34 3.29 1.49
N THR A 19 -0.58 2.46 2.50
CA THR A 19 -0.55 2.93 3.88
C THR A 19 0.87 3.25 4.32
N LEU A 20 1.82 2.46 3.83
CA LEU A 20 3.23 2.67 4.15
C LEU A 20 3.85 3.73 3.25
N PHE A 21 3.38 3.78 2.01
CA PHE A 21 3.89 4.76 1.04
C PHE A 21 3.41 6.17 1.39
N CYS A 22 2.18 6.27 1.85
CA CYS A 22 1.60 7.56 2.24
C CYS A 22 2.05 7.94 3.64
N LEU A 23 2.43 6.95 4.44
CA LEU A 23 2.88 7.18 5.81
C LEU A 23 4.03 8.17 5.85
N LEU A 24 5.00 7.97 4.97
CA LEU A 24 6.17 8.83 4.90
C LEU A 24 5.77 10.28 4.63
N HIS A 25 4.73 10.46 3.83
CA HIS A 25 4.25 11.80 3.49
C HIS A 25 3.60 12.48 4.69
N PHE A 26 3.14 11.69 5.64
CA PHE A 26 2.51 12.23 6.84
C PHE A 26 3.47 13.12 7.61
N GLY A 27 4.76 12.88 7.42
CA GLY A 27 5.77 13.68 8.11
C GLY A 27 6.59 12.87 9.10
N VAL A 28 6.70 11.57 8.84
CA VAL A 28 7.46 10.67 9.71
C VAL A 28 8.91 11.11 9.82
N ILE A 29 9.53 11.37 8.68
CA ILE A 29 10.92 11.80 8.63
C ILE A 29 11.04 13.29 8.39
N GLY A 30 9.93 13.89 7.98
CA GLY A 30 9.91 15.32 7.73
C GLY A 30 10.80 15.71 6.57
N PRO A 31 11.68 16.71 6.75
CA PRO A 31 12.60 17.16 5.70
C PRO A 31 13.83 16.29 5.57
N GLN A 32 13.62 14.97 5.50
CA GLN A 32 14.71 14.01 5.37
C GLN A 32 15.65 14.09 6.56
N ARG A 33 15.56 13.10 7.45
CA ARG A 33 16.41 13.06 8.64
C ARG A 33 16.22 14.29 9.50
N ARG A 1 -4.26 -26.05 -2.13
CA ARG A 1 -4.44 -24.86 -2.99
C ARG A 1 -3.19 -23.99 -2.98
N ARG A 2 -2.46 -24.01 -4.10
CA ARG A 2 -1.23 -23.23 -4.22
C ARG A 2 -1.54 -21.74 -4.37
N CYS A 3 -0.74 -20.91 -3.72
CA CYS A 3 -0.93 -19.47 -3.77
C CYS A 3 0.37 -18.76 -4.13
N LEU A 4 0.53 -18.45 -5.42
CA LEU A 4 1.74 -17.77 -5.89
C LEU A 4 1.55 -16.26 -5.85
N PHE A 5 0.37 -15.80 -6.26
CA PHE A 5 0.07 -14.37 -6.26
C PHE A 5 -1.39 -14.11 -5.91
N LEU A 6 -2.29 -14.83 -6.57
CA LEU A 6 -3.73 -14.68 -6.35
C LEU A 6 -4.20 -13.27 -6.67
N PRO A 7 -5.23 -13.15 -7.54
CA PRO A 7 -5.77 -11.85 -7.94
C PRO A 7 -6.37 -11.06 -6.78
N LEU A 8 -6.84 -11.78 -5.76
CA LEU A 8 -7.44 -11.14 -4.59
C LEU A 8 -6.37 -10.74 -3.59
N PHE A 9 -5.42 -11.64 -3.33
CA PHE A 9 -4.35 -11.38 -2.38
C PHE A 9 -3.57 -10.12 -2.74
N SER A 10 -3.69 -9.69 -4.00
CA SER A 10 -3.00 -8.50 -4.47
C SER A 10 -3.75 -7.23 -4.06
N PHE A 11 -5.08 -7.34 -3.99
CA PHE A 11 -5.91 -6.20 -3.59
C PHE A 11 -5.47 -5.67 -2.23
N LEU A 12 -5.25 -6.58 -1.29
CA LEU A 12 -4.82 -6.20 0.05
C LEU A 12 -3.36 -5.75 0.02
N ILE A 13 -2.66 -6.15 -1.02
CA ILE A 13 -1.25 -5.81 -1.20
C ILE A 13 -1.12 -4.37 -1.72
N VAL A 14 -2.08 -3.97 -2.54
CA VAL A 14 -2.08 -2.62 -3.12
C VAL A 14 -2.68 -1.60 -2.15
N ALA A 15 -3.82 -1.96 -1.56
CA ALA A 15 -4.49 -1.08 -0.61
C ALA A 15 -3.61 -0.79 0.60
N GLY A 16 -2.83 -1.79 1.01
CA GLY A 16 -1.95 -1.64 2.15
C GLY A 16 -0.68 -0.90 1.79
N ALA A 17 -0.22 -1.07 0.56
CA ALA A 17 1.00 -0.42 0.10
C ALA A 17 0.82 1.10 0.07
N THR A 18 -0.37 1.55 -0.33
CA THR A 18 -0.66 2.97 -0.40
C THR A 18 -0.65 3.60 0.99
N THR A 19 -0.91 2.78 2.00
CA THR A 19 -0.92 3.24 3.39
C THR A 19 0.48 3.46 3.92
N LEU A 20 1.40 2.59 3.52
CA LEU A 20 2.79 2.69 3.97
C LEU A 20 3.53 3.80 3.22
N PHE A 21 3.18 3.98 1.94
CA PHE A 21 3.80 5.00 1.11
C PHE A 21 3.43 6.40 1.63
N CYS A 22 2.15 6.59 1.91
CA CYS A 22 1.67 7.87 2.41
C CYS A 22 2.11 8.08 3.86
N LEU A 23 2.38 6.98 4.54
CA LEU A 23 2.81 7.02 5.94
C LEU A 23 4.07 7.88 6.09
N LEU A 24 5.06 7.61 5.23
CA LEU A 24 6.32 8.35 5.27
C LEU A 24 6.10 9.82 4.93
N HIS A 25 5.06 10.09 4.15
CA HIS A 25 4.74 11.46 3.74
C HIS A 25 4.21 12.26 4.94
N PHE A 26 3.75 11.55 5.96
CA PHE A 26 3.20 12.19 7.16
C PHE A 26 4.31 12.95 7.90
N GLY A 27 5.55 12.63 7.60
CA GLY A 27 6.67 13.29 8.25
C GLY A 27 7.51 12.32 9.07
N VAL A 28 7.51 11.06 8.68
CA VAL A 28 8.27 10.03 9.39
C VAL A 28 9.76 10.34 9.35
N ILE A 29 10.20 11.04 8.30
CA ILE A 29 11.59 11.40 8.14
C ILE A 29 11.74 12.92 7.99
N GLY A 30 12.48 13.36 6.98
CA GLY A 30 12.68 14.78 6.77
C GLY A 30 12.03 15.27 5.49
N PRO A 31 12.73 15.17 4.35
CA PRO A 31 12.20 15.61 3.06
C PRO A 31 11.25 14.58 2.46
N GLN A 32 10.87 13.58 3.26
CA GLN A 32 9.97 12.54 2.80
C GLN A 32 10.54 11.82 1.57
N ARG A 33 11.86 11.82 1.47
CA ARG A 33 12.55 11.16 0.35
C ARG A 33 13.50 10.08 0.85
N ARG A 1 -13.84 -3.48 -18.47
CA ARG A 1 -12.91 -3.76 -19.59
C ARG A 1 -11.98 -4.92 -19.26
N ARG A 2 -11.60 -5.01 -17.99
CA ARG A 2 -10.71 -6.07 -17.53
C ARG A 2 -11.52 -7.18 -16.86
N CYS A 3 -10.82 -8.25 -16.46
CA CYS A 3 -11.47 -9.37 -15.80
C CYS A 3 -12.12 -8.94 -14.50
N LEU A 4 -13.22 -9.59 -14.14
CA LEU A 4 -13.95 -9.28 -12.92
C LEU A 4 -13.27 -9.90 -11.71
N PHE A 5 -13.25 -9.14 -10.61
CA PHE A 5 -12.65 -9.59 -9.35
C PHE A 5 -11.15 -9.86 -9.52
N LEU A 6 -10.59 -9.42 -10.63
CA LEU A 6 -9.15 -9.61 -10.89
C LEU A 6 -8.32 -8.46 -10.33
N PRO A 7 -8.67 -7.19 -10.67
CA PRO A 7 -7.94 -6.03 -10.17
C PRO A 7 -8.30 -5.69 -8.73
N LEU A 8 -9.25 -6.43 -8.18
CA LEU A 8 -9.71 -6.21 -6.81
C LEU A 8 -8.79 -6.95 -5.83
N PHE A 9 -8.41 -8.17 -6.18
CA PHE A 9 -7.54 -8.98 -5.34
C PHE A 9 -6.22 -8.26 -5.07
N SER A 10 -5.75 -7.50 -6.04
CA SER A 10 -4.50 -6.77 -5.89
C SER A 10 -4.71 -5.51 -5.07
N PHE A 11 -5.96 -5.07 -4.98
CA PHE A 11 -6.28 -3.87 -4.21
C PHE A 11 -6.08 -4.14 -2.72
N LEU A 12 -6.36 -5.37 -2.31
CA LEU A 12 -6.19 -5.76 -0.91
C LEU A 12 -4.72 -5.90 -0.58
N ILE A 13 -3.93 -6.24 -1.60
CA ILE A 13 -2.49 -6.40 -1.45
C ILE A 13 -1.78 -5.05 -1.60
N VAL A 14 -2.38 -4.16 -2.38
CA VAL A 14 -1.82 -2.85 -2.62
C VAL A 14 -2.18 -1.88 -1.50
N ALA A 15 -3.30 -2.16 -0.85
CA ALA A 15 -3.77 -1.32 0.26
C ALA A 15 -2.67 -1.09 1.28
N GLY A 16 -1.91 -2.13 1.59
CA GLY A 16 -0.83 -2.01 2.56
C GLY A 16 0.36 -1.23 2.00
N ALA A 17 0.64 -1.42 0.71
CA ALA A 17 1.73 -0.73 0.07
C ALA A 17 1.49 0.77 0.03
N THR A 18 0.26 1.17 -0.27
CA THR A 18 -0.10 2.57 -0.35
C THR A 18 -0.06 3.22 1.03
N THR A 19 -0.52 2.49 2.03
CA THR A 19 -0.54 2.99 3.40
C THR A 19 0.88 3.36 3.85
N LEU A 20 1.87 2.68 3.27
CA LEU A 20 3.27 2.93 3.60
C LEU A 20 3.74 4.23 2.98
N PHE A 21 3.42 4.42 1.70
CA PHE A 21 3.80 5.63 0.97
C PHE A 21 3.21 6.86 1.63
N CYS A 22 1.93 6.79 1.99
CA CYS A 22 1.25 7.91 2.63
C CYS A 22 1.69 8.08 4.08
N LEU A 23 2.20 7.00 4.67
CA LEU A 23 2.65 7.03 6.06
C LEU A 23 3.77 8.05 6.24
N LEU A 24 4.89 7.84 5.54
CA LEU A 24 6.04 8.72 5.64
C LEU A 24 5.74 10.09 5.05
N HIS A 25 4.82 10.14 4.09
CA HIS A 25 4.46 11.38 3.44
C HIS A 25 3.54 12.22 4.33
N PHE A 26 2.94 11.57 5.33
CA PHE A 26 2.05 12.26 6.25
C PHE A 26 2.82 13.27 7.10
N GLY A 27 4.12 13.04 7.24
CA GLY A 27 4.94 13.94 8.03
C GLY A 27 5.53 13.27 9.26
N VAL A 28 5.72 11.97 9.19
CA VAL A 28 6.27 11.20 10.30
C VAL A 28 7.74 11.56 10.53
N ILE A 29 8.45 11.79 9.45
CA ILE A 29 9.87 12.13 9.51
C ILE A 29 10.13 13.52 8.93
N GLY A 30 9.16 14.00 8.16
CA GLY A 30 9.28 15.31 7.54
C GLY A 30 10.47 15.40 6.61
N PRO A 31 10.87 16.63 6.19
CA PRO A 31 11.99 16.83 5.29
C PRO A 31 13.33 16.84 6.04
N GLN A 32 13.37 16.13 7.16
CA GLN A 32 14.58 16.04 7.98
C GLN A 32 14.94 17.41 8.57
N ARG A 33 15.59 17.39 9.72
CA ARG A 33 15.99 18.62 10.39
C ARG A 33 17.34 19.09 9.87
N ARG A 1 -12.20 -21.17 -2.03
CA ARG A 1 -11.95 -22.62 -1.78
C ARG A 1 -10.61 -23.05 -2.37
N ARG A 2 -10.47 -22.91 -3.69
CA ARG A 2 -9.25 -23.28 -4.37
C ARG A 2 -8.37 -22.06 -4.63
N CYS A 3 -7.07 -22.20 -4.40
CA CYS A 3 -6.13 -21.11 -4.60
C CYS A 3 -5.14 -21.44 -5.71
N LEU A 4 -5.34 -20.83 -6.88
CA LEU A 4 -4.47 -21.06 -8.03
C LEU A 4 -3.79 -19.77 -8.47
N PHE A 5 -4.54 -18.66 -8.41
CA PHE A 5 -4.00 -17.37 -8.81
C PHE A 5 -4.69 -16.25 -8.03
N LEU A 6 -6.02 -16.23 -8.08
CA LEU A 6 -6.83 -15.21 -7.39
C LEU A 6 -6.16 -13.84 -7.39
N PRO A 7 -6.45 -13.00 -8.40
CA PRO A 7 -5.88 -11.66 -8.50
C PRO A 7 -6.33 -10.75 -7.37
N LEU A 8 -7.25 -11.24 -6.55
CA LEU A 8 -7.75 -10.47 -5.42
C LEU A 8 -6.70 -10.33 -4.33
N PHE A 9 -5.91 -11.38 -4.15
CA PHE A 9 -4.85 -11.38 -3.14
C PHE A 9 -3.95 -10.17 -3.27
N SER A 10 -3.87 -9.63 -4.49
CA SER A 10 -3.04 -8.46 -4.75
C SER A 10 -3.76 -7.18 -4.35
N PHE A 11 -5.09 -7.20 -4.44
CA PHE A 11 -5.90 -6.04 -4.08
C PHE A 11 -5.62 -5.64 -2.64
N LEU A 12 -5.33 -6.63 -1.80
CA LEU A 12 -5.04 -6.39 -0.39
C LEU A 12 -3.60 -5.92 -0.23
N ILE A 13 -2.77 -6.27 -1.20
CA ILE A 13 -1.36 -5.90 -1.20
C ILE A 13 -1.18 -4.44 -1.64
N VAL A 14 -2.08 -3.97 -2.50
CA VAL A 14 -2.02 -2.61 -3.00
C VAL A 14 -2.61 -1.63 -2.00
N ALA A 15 -3.72 -2.02 -1.37
CA ALA A 15 -4.39 -1.18 -0.39
C ALA A 15 -3.46 -0.87 0.79
N GLY A 16 -2.64 -1.85 1.16
CA GLY A 16 -1.71 -1.66 2.26
C GLY A 16 -0.48 -0.88 1.84
N ALA A 17 -0.14 -0.96 0.57
CA ALA A 17 1.02 -0.26 0.03
C ALA A 17 0.80 1.25 0.05
N THR A 18 -0.43 1.67 -0.20
CA THR A 18 -0.78 3.08 -0.22
C THR A 18 -0.69 3.68 1.18
N THR A 19 -0.90 2.84 2.19
CA THR A 19 -0.85 3.27 3.58
C THR A 19 0.59 3.52 4.02
N LEU A 20 1.49 2.65 3.59
CA LEU A 20 2.91 2.77 3.92
C LEU A 20 3.54 3.94 3.16
N PHE A 21 3.14 4.11 1.91
CA PHE A 21 3.66 5.19 1.08
C PHE A 21 3.27 6.55 1.64
N CYS A 22 2.01 6.67 2.05
CA CYS A 22 1.51 7.92 2.62
C CYS A 22 1.99 8.11 4.06
N LEU A 23 2.34 7.01 4.72
CA LEU A 23 2.81 7.06 6.10
C LEU A 23 4.03 7.96 6.24
N LEU A 24 5.11 7.59 5.56
CA LEU A 24 6.34 8.36 5.59
C LEU A 24 6.15 9.75 4.97
N HIS A 25 5.26 9.83 3.98
CA HIS A 25 4.98 11.10 3.30
C HIS A 25 4.20 12.04 4.20
N PHE A 26 3.58 11.49 5.24
CA PHE A 26 2.79 12.28 6.17
C PHE A 26 3.64 13.37 6.85
N GLY A 27 4.96 13.22 6.77
CA GLY A 27 5.85 14.20 7.37
C GLY A 27 6.62 13.62 8.54
N VAL A 28 6.85 12.31 8.50
CA VAL A 28 7.58 11.63 9.57
C VAL A 28 9.08 11.92 9.51
N ILE A 29 9.55 12.37 8.35
CA ILE A 29 10.96 12.67 8.17
C ILE A 29 11.17 13.90 7.28
N GLY A 30 11.71 13.70 6.08
CA GLY A 30 11.96 14.80 5.16
C GLY A 30 10.73 15.65 4.90
N PRO A 31 9.59 15.04 4.50
CA PRO A 31 8.36 15.78 4.20
C PRO A 31 7.91 16.70 5.33
N GLN A 32 8.53 16.58 6.50
CA GLN A 32 8.18 17.41 7.64
C GLN A 32 8.61 18.86 7.41
N ARG A 33 7.69 19.67 6.90
CA ARG A 33 7.97 21.08 6.63
C ARG A 33 6.94 21.97 7.31
N ARG A 1 1.61 -18.66 -13.02
CA ARG A 1 0.53 -17.75 -12.58
C ARG A 1 -0.81 -18.48 -12.50
N ARG A 2 -1.52 -18.31 -11.40
CA ARG A 2 -2.81 -18.94 -11.21
C ARG A 2 -3.88 -17.92 -10.83
N CYS A 3 -4.95 -17.86 -11.63
CA CYS A 3 -6.04 -16.93 -11.37
C CYS A 3 -7.20 -17.62 -10.67
N LEU A 4 -7.29 -17.42 -9.37
CA LEU A 4 -8.35 -18.02 -8.57
C LEU A 4 -8.48 -17.33 -7.21
N PHE A 5 -7.37 -17.26 -6.49
CA PHE A 5 -7.36 -16.63 -5.16
C PHE A 5 -6.22 -15.63 -5.06
N LEU A 6 -5.38 -15.58 -6.08
CA LEU A 6 -4.24 -14.67 -6.11
C LEU A 6 -4.68 -13.21 -6.31
N PRO A 7 -5.52 -12.92 -7.35
CA PRO A 7 -5.98 -11.55 -7.62
C PRO A 7 -6.53 -10.86 -6.37
N LEU A 8 -7.37 -11.57 -5.63
CA LEU A 8 -7.96 -11.02 -4.41
C LEU A 8 -6.88 -10.66 -3.41
N PHE A 9 -5.91 -11.57 -3.25
CA PHE A 9 -4.81 -11.35 -2.32
C PHE A 9 -4.00 -10.11 -2.68
N SER A 10 -4.00 -9.76 -3.97
CA SER A 10 -3.26 -8.60 -4.44
C SER A 10 -3.95 -7.30 -4.02
N PHE A 11 -5.28 -7.34 -3.93
CA PHE A 11 -6.04 -6.16 -3.52
C PHE A 11 -5.60 -5.70 -2.14
N LEU A 12 -5.39 -6.65 -1.25
CA LEU A 12 -4.94 -6.34 0.11
C LEU A 12 -3.49 -5.87 0.09
N ILE A 13 -2.78 -6.30 -0.96
CA ILE A 13 -1.38 -5.93 -1.13
C ILE A 13 -1.25 -4.46 -1.54
N VAL A 14 -2.14 -4.02 -2.43
CA VAL A 14 -2.15 -2.64 -2.90
C VAL A 14 -2.70 -1.70 -1.85
N ALA A 15 -3.70 -2.19 -1.10
CA ALA A 15 -4.32 -1.39 -0.06
C ALA A 15 -3.30 -0.93 0.99
N GLY A 16 -2.42 -1.85 1.37
CA GLY A 16 -1.41 -1.53 2.36
C GLY A 16 -0.21 -0.82 1.77
N ALA A 17 0.08 -1.10 0.50
CA ALA A 17 1.22 -0.49 -0.19
C ALA A 17 1.01 1.01 -0.36
N THR A 18 -0.21 1.40 -0.74
CA THR A 18 -0.53 2.81 -0.95
C THR A 18 -0.58 3.55 0.39
N THR A 19 -0.88 2.82 1.45
CA THR A 19 -0.97 3.39 2.79
C THR A 19 0.41 3.80 3.30
N LEU A 20 1.36 2.88 3.19
CA LEU A 20 2.73 3.13 3.65
C LEU A 20 3.35 4.31 2.90
N PHE A 21 2.88 4.55 1.68
CA PHE A 21 3.40 5.64 0.86
C PHE A 21 3.13 6.99 1.52
N CYS A 22 1.87 7.22 1.89
CA CYS A 22 1.48 8.47 2.54
C CYS A 22 1.82 8.45 4.02
N LEU A 23 1.93 7.26 4.59
CA LEU A 23 2.24 7.10 6.00
C LEU A 23 3.62 7.67 6.32
N LEU A 24 4.63 7.19 5.61
CA LEU A 24 5.99 7.65 5.81
C LEU A 24 6.16 9.09 5.33
N HIS A 25 5.26 9.52 4.44
CA HIS A 25 5.30 10.88 3.91
C HIS A 25 5.09 11.91 5.01
N PHE A 26 4.33 11.54 6.04
CA PHE A 26 4.06 12.44 7.15
C PHE A 26 5.36 12.84 7.86
N GLY A 27 6.39 12.03 7.67
CA GLY A 27 7.67 12.32 8.30
C GLY A 27 8.06 11.29 9.33
N VAL A 28 7.53 10.07 9.18
CA VAL A 28 7.82 8.99 10.11
C VAL A 28 9.31 8.64 10.08
N ILE A 29 9.80 8.33 8.90
CA ILE A 29 11.20 7.97 8.70
C ILE A 29 12.13 9.04 9.29
N GLY A 30 11.64 10.26 9.30
CA GLY A 30 12.42 11.37 9.83
C GLY A 30 13.06 12.19 8.73
N PRO A 31 14.40 12.41 8.78
CA PRO A 31 15.10 13.19 7.75
C PRO A 31 15.21 12.46 6.43
N GLN A 32 14.60 11.27 6.36
CA GLN A 32 14.62 10.46 5.14
C GLN A 32 16.04 10.06 4.76
N ARG A 33 16.73 10.95 4.05
CA ARG A 33 18.10 10.69 3.63
C ARG A 33 18.97 11.95 3.76
N ARG A 1 -11.90 -23.04 -1.23
CA ARG A 1 -12.90 -22.03 -1.69
C ARG A 1 -12.99 -22.02 -3.21
N ARG A 2 -14.10 -21.48 -3.72
CA ARG A 2 -14.33 -21.41 -5.16
C ARG A 2 -13.63 -20.19 -5.76
N CYS A 3 -13.02 -20.38 -6.92
CA CYS A 3 -12.31 -19.30 -7.61
C CYS A 3 -13.29 -18.23 -8.06
N LEU A 4 -13.55 -17.26 -7.18
CA LEU A 4 -14.46 -16.16 -7.50
C LEU A 4 -13.92 -14.85 -6.95
N PHE A 5 -13.32 -14.90 -5.77
CA PHE A 5 -12.77 -13.71 -5.14
C PHE A 5 -11.28 -13.88 -4.85
N LEU A 6 -10.59 -14.63 -5.72
CA LEU A 6 -9.17 -14.88 -5.55
C LEU A 6 -8.33 -13.65 -5.95
N PRO A 7 -8.61 -13.03 -7.11
CA PRO A 7 -7.86 -11.85 -7.57
C PRO A 7 -7.98 -10.67 -6.62
N LEU A 8 -8.84 -10.82 -5.62
CA LEU A 8 -9.06 -9.77 -4.64
C LEU A 8 -7.84 -9.59 -3.73
N PHE A 9 -6.84 -10.45 -3.93
CA PHE A 9 -5.62 -10.39 -3.14
C PHE A 9 -4.79 -9.14 -3.46
N SER A 10 -4.79 -8.75 -4.74
CA SER A 10 -4.04 -7.58 -5.17
C SER A 10 -4.61 -6.32 -4.54
N PHE A 11 -5.89 -6.36 -4.19
CA PHE A 11 -6.55 -5.20 -3.57
C PHE A 11 -6.04 -4.99 -2.15
N LEU A 12 -6.02 -6.07 -1.37
CA LEU A 12 -5.54 -5.99 0.00
C LEU A 12 -4.04 -5.78 0.02
N ILE A 13 -3.40 -6.14 -1.09
CA ILE A 13 -1.96 -5.99 -1.25
C ILE A 13 -1.61 -4.59 -1.74
N VAL A 14 -2.52 -3.99 -2.49
CA VAL A 14 -2.31 -2.64 -3.03
C VAL A 14 -2.70 -1.57 -2.01
N ALA A 15 -3.66 -1.91 -1.17
CA ALA A 15 -4.13 -0.98 -0.14
C ALA A 15 -3.08 -0.77 0.93
N GLY A 16 -2.30 -1.81 1.22
CA GLY A 16 -1.25 -1.71 2.22
C GLY A 16 0.00 -1.03 1.70
N ALA A 17 0.27 -1.20 0.41
CA ALA A 17 1.44 -0.60 -0.21
C ALA A 17 1.33 0.92 -0.23
N THR A 18 0.13 1.41 -0.51
CA THR A 18 -0.11 2.86 -0.56
C THR A 18 -0.09 3.46 0.84
N THR A 19 -0.52 2.68 1.83
CA THR A 19 -0.56 3.15 3.20
C THR A 19 0.85 3.37 3.75
N LEU A 20 1.74 2.43 3.46
CA LEU A 20 3.13 2.51 3.93
C LEU A 20 3.88 3.64 3.22
N PHE A 21 3.61 3.81 1.94
CA PHE A 21 4.27 4.84 1.15
C PHE A 21 3.78 6.24 1.55
N CYS A 22 2.48 6.35 1.78
CA CYS A 22 1.88 7.63 2.16
C CYS A 22 2.13 7.92 3.63
N LEU A 23 2.38 6.86 4.41
CA LEU A 23 2.63 7.00 5.84
C LEU A 23 3.72 8.02 6.12
N LEU A 24 4.84 7.90 5.40
CA LEU A 24 5.96 8.81 5.58
C LEU A 24 5.57 10.25 5.24
N HIS A 25 4.59 10.41 4.35
CA HIS A 25 4.13 11.73 3.95
C HIS A 25 3.28 12.37 5.03
N PHE A 26 2.77 11.54 5.94
CA PHE A 26 1.93 12.02 7.03
C PHE A 26 2.74 12.86 8.02
N GLY A 27 4.07 12.74 7.94
CA GLY A 27 4.94 13.49 8.83
C GLY A 27 5.75 12.60 9.75
N VAL A 28 6.03 11.39 9.30
CA VAL A 28 6.80 10.44 10.09
C VAL A 28 8.29 10.74 10.01
N ILE A 29 8.73 11.19 8.85
CA ILE A 29 10.13 11.52 8.64
C ILE A 29 10.30 12.88 7.99
N GLY A 30 9.35 13.22 7.12
CA GLY A 30 9.39 14.50 6.43
C GLY A 30 10.71 14.74 5.72
N PRO A 31 10.99 15.99 5.31
CA PRO A 31 12.24 16.34 4.63
C PRO A 31 13.39 16.55 5.59
N GLN A 32 13.40 15.76 6.67
CA GLN A 32 14.44 15.86 7.68
C GLN A 32 14.45 17.25 8.33
N ARG A 33 13.69 17.39 9.41
CA ARG A 33 13.60 18.66 10.12
C ARG A 33 13.07 19.76 9.22
N ARG A 1 0.06 -13.46 -19.81
CA ARG A 1 -0.19 -12.43 -18.77
C ARG A 1 -1.44 -11.61 -19.09
N ARG A 2 -2.54 -11.93 -18.39
CA ARG A 2 -3.80 -11.23 -18.61
C ARG A 2 -3.83 -9.92 -17.81
N CYS A 3 -4.37 -8.88 -18.43
CA CYS A 3 -4.49 -7.58 -17.78
C CYS A 3 -5.89 -7.01 -17.93
N LEU A 4 -6.82 -7.51 -17.12
CA LEU A 4 -8.20 -7.07 -17.17
C LEU A 4 -8.86 -7.21 -15.80
N PHE A 5 -8.67 -8.37 -15.18
CA PHE A 5 -9.25 -8.64 -13.87
C PHE A 5 -8.14 -8.85 -12.83
N LEU A 6 -6.98 -9.29 -13.29
CA LEU A 6 -5.83 -9.52 -12.42
C LEU A 6 -5.41 -8.24 -11.69
N PRO A 7 -5.28 -7.11 -12.42
CA PRO A 7 -4.88 -5.82 -11.82
C PRO A 7 -5.66 -5.50 -10.54
N LEU A 8 -6.89 -5.99 -10.45
CA LEU A 8 -7.72 -5.74 -9.27
C LEU A 8 -7.28 -6.61 -8.09
N PHE A 9 -6.88 -7.84 -8.38
CA PHE A 9 -6.43 -8.75 -7.34
C PHE A 9 -5.20 -8.19 -6.64
N SER A 10 -4.54 -7.25 -7.29
CA SER A 10 -3.35 -6.62 -6.72
C SER A 10 -3.75 -5.51 -5.76
N PHE A 11 -4.95 -4.97 -5.93
CA PHE A 11 -5.45 -3.91 -5.06
C PHE A 11 -5.48 -4.40 -3.62
N LEU A 12 -5.76 -5.69 -3.45
CA LEU A 12 -5.81 -6.29 -2.13
C LEU A 12 -4.41 -6.37 -1.54
N ILE A 13 -3.41 -6.36 -2.42
CA ILE A 13 -2.01 -6.43 -2.01
C ILE A 13 -1.46 -5.03 -1.70
N VAL A 14 -1.74 -4.08 -2.58
CA VAL A 14 -1.27 -2.70 -2.43
C VAL A 14 -2.05 -1.99 -1.33
N ALA A 15 -3.24 -2.50 -1.01
CA ALA A 15 -4.08 -1.92 0.03
C ALA A 15 -3.29 -1.61 1.28
N GLY A 16 -2.33 -2.47 1.61
CA GLY A 16 -1.50 -2.27 2.78
C GLY A 16 -0.35 -1.33 2.51
N ALA A 17 0.13 -1.33 1.26
CA ALA A 17 1.25 -0.47 0.87
C ALA A 17 0.84 0.99 0.82
N THR A 18 -0.46 1.25 0.68
CA THR A 18 -0.96 2.62 0.62
C THR A 18 -0.74 3.34 1.94
N THR A 19 -1.04 2.66 3.05
CA THR A 19 -0.86 3.24 4.37
C THR A 19 0.60 3.60 4.61
N LEU A 20 1.50 2.83 4.03
CA LEU A 20 2.94 3.06 4.17
C LEU A 20 3.38 4.19 3.25
N PHE A 21 2.76 4.27 2.08
CA PHE A 21 3.09 5.30 1.09
C PHE A 21 2.85 6.70 1.66
N CYS A 22 1.61 6.96 2.05
CA CYS A 22 1.24 8.26 2.61
C CYS A 22 1.98 8.51 3.93
N LEU A 23 2.40 7.44 4.58
CA LEU A 23 3.10 7.54 5.85
C LEU A 23 4.43 8.28 5.68
N LEU A 24 5.22 7.84 4.71
CA LEU A 24 6.52 8.45 4.45
C LEU A 24 6.38 9.93 4.10
N HIS A 25 5.24 10.29 3.52
CA HIS A 25 4.99 11.67 3.14
C HIS A 25 4.57 12.53 4.34
N PHE A 26 4.19 11.86 5.42
CA PHE A 26 3.77 12.54 6.64
C PHE A 26 4.95 13.27 7.28
N GLY A 27 6.16 12.87 6.92
CA GLY A 27 7.35 13.50 7.47
C GLY A 27 8.17 12.55 8.31
N VAL A 28 8.03 11.25 8.03
CA VAL A 28 8.76 10.24 8.77
C VAL A 28 10.19 10.09 8.22
N ILE A 29 10.44 10.71 7.08
CA ILE A 29 11.74 10.65 6.45
C ILE A 29 12.07 11.97 5.74
N GLY A 30 12.92 12.77 6.36
CA GLY A 30 13.32 14.04 5.78
C GLY A 30 13.92 13.88 4.40
N PRO A 31 14.43 14.98 3.80
CA PRO A 31 15.04 14.94 2.48
C PRO A 31 16.44 14.32 2.49
N GLN A 32 16.57 13.17 3.11
CA GLN A 32 17.85 12.48 3.20
C GLN A 32 17.84 11.19 2.39
N ARG A 33 16.90 11.10 1.45
CA ARG A 33 16.77 9.93 0.61
C ARG A 33 18.02 9.72 -0.24
N ARG A 1 -9.85 -24.92 -9.36
CA ARG A 1 -9.43 -23.91 -8.35
C ARG A 1 -9.59 -22.50 -8.89
N ARG A 2 -10.65 -22.28 -9.67
CA ARG A 2 -10.92 -20.97 -10.25
C ARG A 2 -12.04 -20.26 -9.49
N CYS A 3 -11.76 -19.03 -9.04
CA CYS A 3 -12.74 -18.26 -8.30
C CYS A 3 -12.83 -16.83 -8.84
N LEU A 4 -14.05 -16.30 -8.88
CA LEU A 4 -14.29 -14.95 -9.39
C LEU A 4 -14.01 -13.92 -8.31
N PHE A 5 -13.48 -14.37 -7.17
CA PHE A 5 -13.17 -13.48 -6.06
C PHE A 5 -11.76 -13.75 -5.53
N LEU A 6 -10.92 -14.33 -6.39
CA LEU A 6 -9.55 -14.64 -6.00
C LEU A 6 -8.59 -13.48 -6.28
N PRO A 7 -8.67 -12.84 -7.47
CA PRO A 7 -7.79 -11.71 -7.81
C PRO A 7 -7.87 -10.56 -6.80
N LEU A 8 -8.79 -10.67 -5.85
CA LEU A 8 -8.96 -9.65 -4.83
C LEU A 8 -7.76 -9.60 -3.89
N PHE A 9 -6.80 -10.51 -4.11
CA PHE A 9 -5.60 -10.58 -3.28
C PHE A 9 -4.69 -9.37 -3.54
N SER A 10 -4.64 -8.92 -4.79
CA SER A 10 -3.81 -7.79 -5.16
C SER A 10 -4.33 -6.50 -4.53
N PHE A 11 -5.61 -6.49 -4.20
CA PHE A 11 -6.23 -5.32 -3.58
C PHE A 11 -5.79 -5.17 -2.14
N LEU A 12 -5.75 -6.29 -1.42
CA LEU A 12 -5.33 -6.27 -0.02
C LEU A 12 -3.83 -5.98 0.07
N ILE A 13 -3.12 -6.32 -1.01
CA ILE A 13 -1.69 -6.10 -1.09
C ILE A 13 -1.37 -4.68 -1.57
N VAL A 14 -2.28 -4.12 -2.38
CA VAL A 14 -2.10 -2.78 -2.92
C VAL A 14 -2.53 -1.72 -1.91
N ALA A 15 -3.52 -2.07 -1.08
CA ALA A 15 -4.03 -1.16 -0.07
C ALA A 15 -2.96 -0.85 0.98
N GLY A 16 -2.12 -1.84 1.27
CA GLY A 16 -1.07 -1.66 2.25
C GLY A 16 0.12 -0.90 1.70
N ALA A 17 0.30 -0.96 0.38
CA ALA A 17 1.40 -0.26 -0.27
C ALA A 17 1.13 1.23 -0.35
N THR A 18 -0.12 1.60 -0.62
CA THR A 18 -0.51 3.00 -0.71
C THR A 18 -0.56 3.65 0.66
N THR A 19 -1.01 2.88 1.65
CA THR A 19 -1.12 3.37 3.01
C THR A 19 0.26 3.58 3.62
N LEU A 20 1.17 2.65 3.36
CA LEU A 20 2.53 2.74 3.87
C LEU A 20 3.33 3.82 3.14
N PHE A 21 3.04 4.02 1.86
CA PHE A 21 3.73 5.02 1.07
C PHE A 21 3.42 6.42 1.60
N CYS A 22 2.14 6.74 1.70
CA CYS A 22 1.72 8.04 2.19
C CYS A 22 2.07 8.20 3.67
N LEU A 23 2.23 7.07 4.35
CA LEU A 23 2.56 7.06 5.78
C LEU A 23 3.85 7.83 6.04
N LEU A 24 4.89 7.51 5.27
CA LEU A 24 6.17 8.17 5.42
C LEU A 24 6.04 9.68 5.25
N HIS A 25 5.09 10.10 4.42
CA HIS A 25 4.85 11.52 4.17
C HIS A 25 4.21 12.18 5.39
N PHE A 26 3.51 11.39 6.19
CA PHE A 26 2.86 11.91 7.39
C PHE A 26 3.89 12.42 8.41
N GLY A 27 5.11 11.90 8.32
CA GLY A 27 6.16 12.32 9.23
C GLY A 27 6.65 11.19 10.12
N VAL A 28 6.53 9.96 9.62
CA VAL A 28 6.96 8.79 10.36
C VAL A 28 8.46 8.84 10.66
N ILE A 29 9.20 9.56 9.82
CA ILE A 29 10.64 9.69 9.99
C ILE A 29 11.11 11.09 9.59
N GLY A 30 11.32 11.93 10.59
CA GLY A 30 11.78 13.28 10.34
C GLY A 30 13.09 13.31 9.57
N PRO A 31 13.65 14.50 9.31
CA PRO A 31 14.90 14.63 8.57
C PRO A 31 16.12 14.31 9.44
N GLN A 32 16.10 13.14 10.08
CA GLN A 32 17.21 12.71 10.92
C GLN A 32 17.43 13.70 12.06
N ARG A 33 16.51 13.70 13.03
CA ARG A 33 16.61 14.60 14.17
C ARG A 33 17.17 13.88 15.39
N ARG A 1 -18.75 -19.39 -5.31
CA ARG A 1 -18.07 -19.86 -4.07
C ARG A 1 -16.66 -20.36 -4.40
N ARG A 2 -16.01 -19.71 -5.35
CA ARG A 2 -14.66 -20.08 -5.75
C ARG A 2 -13.73 -18.87 -5.78
N CYS A 3 -12.63 -18.95 -5.05
CA CYS A 3 -11.66 -17.85 -4.99
C CYS A 3 -10.45 -18.16 -5.85
N LEU A 4 -10.49 -17.76 -7.11
CA LEU A 4 -9.39 -18.00 -8.04
C LEU A 4 -8.76 -16.68 -8.47
N PHE A 5 -7.67 -16.31 -7.81
CA PHE A 5 -6.95 -15.07 -8.11
C PHE A 5 -7.85 -13.86 -7.86
N LEU A 6 -8.66 -13.50 -8.85
CA LEU A 6 -9.56 -12.36 -8.75
C LEU A 6 -8.78 -11.05 -8.60
N PRO A 7 -9.03 -10.08 -9.51
CA PRO A 7 -8.33 -8.78 -9.49
C PRO A 7 -8.47 -8.05 -8.16
N LEU A 8 -9.54 -8.34 -7.44
CA LEU A 8 -9.79 -7.71 -6.15
C LEU A 8 -8.67 -8.06 -5.16
N PHE A 9 -8.08 -9.23 -5.36
CA PHE A 9 -6.99 -9.70 -4.50
C PHE A 9 -5.82 -8.71 -4.51
N SER A 10 -5.66 -7.99 -5.62
CA SER A 10 -4.58 -7.02 -5.76
C SER A 10 -4.86 -5.76 -4.96
N PHE A 11 -6.13 -5.51 -4.68
CA PHE A 11 -6.53 -4.33 -3.92
C PHE A 11 -6.13 -4.46 -2.46
N LEU A 12 -6.22 -5.67 -1.92
CA LEU A 12 -5.86 -5.92 -0.53
C LEU A 12 -4.35 -5.88 -0.37
N ILE A 13 -3.64 -6.20 -1.46
CA ILE A 13 -2.19 -6.20 -1.46
C ILE A 13 -1.65 -4.79 -1.74
N VAL A 14 -2.40 -4.03 -2.52
CA VAL A 14 -2.01 -2.68 -2.87
C VAL A 14 -2.28 -1.71 -1.72
N ALA A 15 -3.32 -2.03 -0.95
CA ALA A 15 -3.70 -1.19 0.19
C ALA A 15 -2.56 -1.05 1.18
N GLY A 16 -1.73 -2.08 1.29
CA GLY A 16 -0.60 -2.05 2.20
C GLY A 16 0.50 -1.13 1.73
N ALA A 17 0.77 -1.16 0.42
CA ALA A 17 1.82 -0.33 -0.16
C ALA A 17 1.41 1.15 -0.19
N THR A 18 0.11 1.40 -0.24
CA THR A 18 -0.41 2.76 -0.26
C THR A 18 -0.45 3.36 1.14
N THR A 19 -0.78 2.52 2.13
CA THR A 19 -0.85 2.98 3.51
C THR A 19 0.53 3.33 4.05
N LEU A 20 1.54 2.58 3.60
CA LEU A 20 2.91 2.80 4.05
C LEU A 20 3.52 4.00 3.32
N PHE A 21 3.18 4.14 2.04
CA PHE A 21 3.71 5.24 1.23
C PHE A 21 3.24 6.59 1.77
N CYS A 22 1.93 6.71 1.97
CA CYS A 22 1.36 7.95 2.48
C CYS A 22 1.76 8.18 3.94
N LEU A 23 2.10 7.09 4.63
CA LEU A 23 2.50 7.18 6.03
C LEU A 23 3.71 8.08 6.19
N LEU A 24 4.81 7.72 5.55
CA LEU A 24 6.04 8.50 5.63
C LEU A 24 5.88 9.85 4.95
N HIS A 25 4.96 9.93 3.99
CA HIS A 25 4.71 11.16 3.26
C HIS A 25 3.89 12.13 4.11
N PHE A 26 3.21 11.60 5.12
CA PHE A 26 2.38 12.41 6.01
C PHE A 26 3.23 13.45 6.74
N GLY A 27 4.52 13.17 6.86
CA GLY A 27 5.42 14.09 7.54
C GLY A 27 6.00 13.50 8.81
N VAL A 28 6.07 12.18 8.87
CA VAL A 28 6.60 11.49 10.05
C VAL A 28 8.09 11.77 10.21
N ILE A 29 8.77 12.01 9.10
CA ILE A 29 10.20 12.29 9.12
C ILE A 29 10.52 13.61 8.42
N GLY A 30 9.59 14.05 7.59
CA GLY A 30 9.79 15.29 6.85
C GLY A 30 10.77 15.15 5.71
N PRO A 31 11.40 16.26 5.27
CA PRO A 31 12.37 16.22 4.17
C PRO A 31 13.76 15.77 4.63
N GLN A 32 13.82 15.23 5.84
CA GLN A 32 15.08 14.76 6.40
C GLN A 32 15.07 13.24 6.58
N ARG A 33 15.95 12.56 5.86
CA ARG A 33 16.04 11.11 5.95
C ARG A 33 17.10 10.69 6.97
N ARG A 1 5.52 -15.88 -4.62
CA ARG A 1 6.24 -17.16 -4.84
C ARG A 1 5.82 -17.80 -6.15
N ARG A 2 4.51 -17.76 -6.43
CA ARG A 2 3.98 -18.33 -7.66
C ARG A 2 2.88 -17.45 -8.24
N CYS A 3 2.60 -17.63 -9.53
CA CYS A 3 1.58 -16.83 -10.20
C CYS A 3 0.25 -17.59 -10.27
N LEU A 4 -0.59 -17.39 -9.25
CA LEU A 4 -1.89 -18.04 -9.19
C LEU A 4 -2.89 -17.16 -8.45
N PHE A 5 -3.90 -16.67 -9.18
CA PHE A 5 -4.92 -15.81 -8.60
C PHE A 5 -4.28 -14.58 -7.97
N LEU A 6 -3.21 -14.11 -8.61
CA LEU A 6 -2.48 -12.92 -8.14
C LEU A 6 -3.35 -11.66 -8.14
N PRO A 7 -4.11 -11.39 -9.22
CA PRO A 7 -4.96 -10.19 -9.31
C PRO A 7 -5.78 -9.94 -8.05
N LEU A 8 -5.99 -10.98 -7.25
CA LEU A 8 -6.76 -10.84 -6.01
C LEU A 8 -5.87 -10.45 -4.85
N PHE A 9 -4.88 -11.28 -4.54
CA PHE A 9 -3.95 -11.02 -3.45
C PHE A 9 -3.30 -9.65 -3.63
N SER A 10 -3.20 -9.21 -4.87
CA SER A 10 -2.60 -7.93 -5.18
C SER A 10 -3.44 -6.78 -4.63
N PHE A 11 -4.75 -6.99 -4.59
CA PHE A 11 -5.67 -5.98 -4.08
C PHE A 11 -5.31 -5.59 -2.65
N LEU A 12 -4.98 -6.60 -1.85
CA LEU A 12 -4.60 -6.37 -0.46
C LEU A 12 -3.18 -5.80 -0.37
N ILE A 13 -2.37 -6.13 -1.37
CA ILE A 13 -0.99 -5.66 -1.42
C ILE A 13 -0.94 -4.17 -1.77
N VAL A 14 -1.91 -3.73 -2.57
CA VAL A 14 -1.98 -2.33 -2.98
C VAL A 14 -2.64 -1.48 -1.90
N ALA A 15 -3.80 -1.94 -1.43
CA ALA A 15 -4.54 -1.22 -0.39
C ALA A 15 -3.68 -1.02 0.84
N GLY A 16 -2.81 -1.97 1.12
CA GLY A 16 -1.94 -1.88 2.28
C GLY A 16 -0.69 -1.06 2.00
N ALA A 17 -0.23 -1.09 0.75
CA ALA A 17 0.95 -0.35 0.35
C ALA A 17 0.67 1.15 0.25
N THR A 18 -0.60 1.50 0.07
CA THR A 18 -1.00 2.90 -0.04
C THR A 18 -0.90 3.60 1.32
N THR A 19 -1.20 2.86 2.38
CA THR A 19 -1.13 3.40 3.73
C THR A 19 0.32 3.63 4.15
N LEU A 20 1.19 2.72 3.74
CA LEU A 20 2.61 2.81 4.07
C LEU A 20 3.28 3.94 3.29
N PHE A 21 2.98 4.01 1.99
CA PHE A 21 3.55 5.03 1.13
C PHE A 21 3.18 6.43 1.63
N CYS A 22 1.92 6.60 2.01
CA CYS A 22 1.44 7.88 2.50
C CYS A 22 1.96 8.14 3.92
N LEU A 23 2.29 7.06 4.62
CA LEU A 23 2.80 7.18 5.99
C LEU A 23 4.12 7.95 6.01
N LEU A 24 5.08 7.48 5.23
CA LEU A 24 6.39 8.13 5.14
C LEU A 24 6.26 9.55 4.61
N HIS A 25 5.20 9.78 3.83
CA HIS A 25 4.95 11.09 3.24
C HIS A 25 4.81 12.17 4.32
N PHE A 26 4.43 11.75 5.52
CA PHE A 26 4.26 12.69 6.64
C PHE A 26 5.55 13.43 6.93
N GLY A 27 6.68 12.88 6.47
CA GLY A 27 7.96 13.52 6.69
C GLY A 27 8.89 12.68 7.56
N VAL A 28 8.57 11.39 7.69
CA VAL A 28 9.37 10.49 8.51
C VAL A 28 10.79 10.35 7.94
N ILE A 29 10.90 10.51 6.62
CA ILE A 29 12.19 10.41 5.96
C ILE A 29 12.54 11.73 5.27
N GLY A 30 12.87 11.68 3.98
CA GLY A 30 13.22 12.89 3.26
C GLY A 30 13.35 12.67 1.78
N PRO A 31 14.51 12.15 1.32
CA PRO A 31 14.75 11.89 -0.11
C PRO A 31 14.14 10.59 -0.58
N GLN A 32 13.64 9.78 0.36
CA GLN A 32 13.03 8.49 0.04
C GLN A 32 14.02 7.56 -0.64
N ARG A 33 14.20 7.72 -1.95
CA ARG A 33 15.12 6.89 -2.71
C ARG A 33 16.00 7.74 -3.62
N ARG A 1 -7.40 -19.62 4.72
CA ARG A 1 -8.03 -19.58 3.37
C ARG A 1 -7.20 -18.74 2.42
N ARG A 2 -6.67 -19.39 1.38
CA ARG A 2 -5.86 -18.71 0.38
C ARG A 2 -6.64 -18.52 -0.91
N CYS A 3 -6.54 -17.33 -1.49
CA CYS A 3 -7.24 -17.01 -2.73
C CYS A 3 -6.32 -17.17 -3.93
N LEU A 4 -6.29 -18.36 -4.50
CA LEU A 4 -5.45 -18.64 -5.67
C LEU A 4 -6.08 -18.09 -6.94
N PHE A 5 -7.38 -17.79 -6.86
CA PHE A 5 -8.11 -17.26 -8.01
C PHE A 5 -9.05 -16.14 -7.58
N LEU A 6 -8.54 -14.92 -7.52
CA LEU A 6 -9.33 -13.77 -7.14
C LEU A 6 -8.56 -12.47 -7.36
N PRO A 7 -9.01 -11.65 -8.32
CA PRO A 7 -8.37 -10.36 -8.65
C PRO A 7 -8.38 -9.40 -7.46
N LEU A 8 -9.42 -9.50 -6.64
CA LEU A 8 -9.57 -8.64 -5.47
C LEU A 8 -8.41 -8.80 -4.50
N PHE A 9 -7.71 -9.93 -4.61
CA PHE A 9 -6.57 -10.20 -3.72
C PHE A 9 -5.50 -9.14 -3.87
N SER A 10 -5.48 -8.45 -5.01
CA SER A 10 -4.49 -7.42 -5.26
C SER A 10 -4.87 -6.11 -4.56
N PHE A 11 -6.16 -5.97 -4.26
CA PHE A 11 -6.64 -4.78 -3.57
C PHE A 11 -6.12 -4.73 -2.14
N LEU A 12 -5.92 -5.91 -1.55
CA LEU A 12 -5.41 -6.00 -0.19
C LEU A 12 -3.91 -5.75 -0.18
N ILE A 13 -3.28 -6.03 -1.31
CA ILE A 13 -1.85 -5.83 -1.48
C ILE A 13 -1.55 -4.39 -1.90
N VAL A 14 -2.51 -3.78 -2.59
CA VAL A 14 -2.35 -2.42 -3.05
C VAL A 14 -2.64 -1.42 -1.94
N ALA A 15 -3.61 -1.75 -1.09
CA ALA A 15 -3.98 -0.89 0.02
C ALA A 15 -2.86 -0.81 1.06
N GLY A 16 -2.14 -1.91 1.22
CA GLY A 16 -1.05 -1.94 2.18
C GLY A 16 0.14 -1.11 1.74
N ALA A 17 0.52 -1.23 0.46
CA ALA A 17 1.64 -0.48 -0.08
C ALA A 17 1.36 1.02 -0.08
N THR A 18 0.09 1.37 -0.25
CA THR A 18 -0.31 2.77 -0.28
C THR A 18 -0.36 3.36 1.12
N THR A 19 -0.71 2.54 2.10
CA THR A 19 -0.79 3.00 3.48
C THR A 19 0.60 3.32 4.03
N LEU A 20 1.58 2.48 3.70
CA LEU A 20 2.95 2.67 4.17
C LEU A 20 3.64 3.81 3.42
N PHE A 21 3.56 3.77 2.10
CA PHE A 21 4.19 4.80 1.27
C PHE A 21 3.67 6.19 1.63
N CYS A 22 2.35 6.30 1.82
CA CYS A 22 1.73 7.57 2.17
C CYS A 22 1.98 7.91 3.64
N LEU A 23 2.26 6.88 4.43
CA LEU A 23 2.53 7.07 5.85
C LEU A 23 3.68 8.04 6.07
N LEU A 24 4.79 7.79 5.38
CA LEU A 24 5.97 8.65 5.49
C LEU A 24 5.66 10.06 5.02
N HIS A 25 4.75 10.18 4.05
CA HIS A 25 4.37 11.48 3.51
C HIS A 25 3.42 12.21 4.45
N PHE A 26 2.84 11.45 5.39
CA PHE A 26 1.90 12.02 6.36
C PHE A 26 2.60 12.98 7.30
N GLY A 27 3.92 12.85 7.40
CA GLY A 27 4.69 13.71 8.28
C GLY A 27 5.35 12.95 9.41
N VAL A 28 5.56 11.65 9.20
CA VAL A 28 6.20 10.82 10.21
C VAL A 28 7.69 11.14 10.34
N ILE A 29 8.46 10.72 9.35
CA ILE A 29 9.90 10.95 9.34
C ILE A 29 10.21 12.44 9.32
N GLY A 30 9.22 13.23 8.93
CA GLY A 30 9.40 14.67 8.86
C GLY A 30 10.27 15.10 7.70
N PRO A 31 11.11 16.14 7.88
CA PRO A 31 11.99 16.63 6.82
C PRO A 31 13.21 15.74 6.59
N GLN A 32 13.10 14.47 6.95
CA GLN A 32 14.20 13.53 6.78
C GLN A 32 14.13 12.89 5.39
N ARG A 33 14.81 13.49 4.42
CA ARG A 33 14.83 12.98 3.07
C ARG A 33 15.96 11.98 2.88
N ARG A 1 -19.76 -18.94 -7.60
CA ARG A 1 -19.45 -18.53 -8.99
C ARG A 1 -18.08 -17.86 -9.07
N ARG A 2 -17.74 -17.10 -8.04
CA ARG A 2 -16.46 -16.41 -7.98
C ARG A 2 -15.43 -17.23 -7.20
N CYS A 3 -14.16 -16.94 -7.43
CA CYS A 3 -13.08 -17.66 -6.74
C CYS A 3 -13.13 -17.38 -5.24
N LEU A 4 -13.35 -18.44 -4.46
CA LEU A 4 -13.43 -18.31 -3.01
C LEU A 4 -12.07 -17.93 -2.42
N PHE A 5 -11.96 -16.68 -1.98
CA PHE A 5 -10.72 -16.17 -1.38
C PHE A 5 -9.55 -16.29 -2.35
N LEU A 6 -9.21 -15.18 -3.00
CA LEU A 6 -8.10 -15.16 -3.95
C LEU A 6 -7.71 -13.73 -4.34
N PRO A 7 -8.68 -12.88 -4.73
CA PRO A 7 -8.40 -11.49 -5.12
C PRO A 7 -8.18 -10.58 -3.92
N LEU A 8 -8.49 -11.09 -2.73
CA LEU A 8 -8.33 -10.32 -1.50
C LEU A 8 -6.86 -10.16 -1.12
N PHE A 9 -6.12 -11.26 -1.16
CA PHE A 9 -4.70 -11.25 -0.82
C PHE A 9 -3.98 -10.11 -1.53
N SER A 10 -4.42 -9.83 -2.76
CA SER A 10 -3.83 -8.76 -3.55
C SER A 10 -4.40 -7.40 -3.16
N PHE A 11 -5.64 -7.41 -2.68
CA PHE A 11 -6.30 -6.17 -2.27
C PHE A 11 -5.52 -5.51 -1.14
N LEU A 12 -4.90 -6.35 -0.31
CA LEU A 12 -4.11 -5.86 0.82
C LEU A 12 -2.73 -5.43 0.35
N ILE A 13 -2.31 -5.99 -0.78
CA ILE A 13 -1.01 -5.66 -1.37
C ILE A 13 -1.04 -4.27 -2.01
N VAL A 14 -2.18 -3.94 -2.60
CA VAL A 14 -2.35 -2.64 -3.25
C VAL A 14 -2.73 -1.57 -2.24
N ALA A 15 -3.74 -1.86 -1.42
CA ALA A 15 -4.21 -0.91 -0.41
C ALA A 15 -3.13 -0.63 0.62
N GLY A 16 -2.46 -1.69 1.08
CA GLY A 16 -1.40 -1.54 2.07
C GLY A 16 -0.22 -0.76 1.54
N ALA A 17 0.01 -0.84 0.23
CA ALA A 17 1.12 -0.15 -0.39
C ALA A 17 0.91 1.36 -0.39
N THR A 18 -0.30 1.78 -0.73
CA THR A 18 -0.64 3.20 -0.77
C THR A 18 -0.75 3.77 0.64
N THR A 19 -1.23 2.96 1.58
CA THR A 19 -1.39 3.39 2.96
C THR A 19 -0.03 3.57 3.63
N LEU A 20 0.91 2.68 3.32
CA LEU A 20 2.25 2.74 3.89
C LEU A 20 3.04 3.88 3.26
N PHE A 21 2.87 4.07 1.96
CA PHE A 21 3.57 5.13 1.23
C PHE A 21 3.22 6.50 1.81
N CYS A 22 1.92 6.75 1.99
CA CYS A 22 1.46 8.01 2.55
C CYS A 22 1.79 8.12 4.03
N LEU A 23 1.98 6.96 4.66
CA LEU A 23 2.31 6.91 6.09
C LEU A 23 3.65 7.58 6.36
N LEU A 24 4.69 7.11 5.66
CA LEU A 24 6.02 7.67 5.83
C LEU A 24 6.11 9.08 5.22
N HIS A 25 5.37 9.29 4.14
CA HIS A 25 5.37 10.58 3.45
C HIS A 25 4.71 11.65 4.31
N PHE A 26 4.04 11.22 5.38
CA PHE A 26 3.36 12.14 6.28
C PHE A 26 4.37 12.94 7.11
N GLY A 27 5.62 12.49 7.09
CA GLY A 27 6.66 13.17 7.85
C GLY A 27 6.98 12.44 9.14
N VAL A 28 6.78 11.13 9.13
CA VAL A 28 7.03 10.29 10.29
C VAL A 28 8.52 10.14 10.56
N ILE A 29 9.34 10.53 9.57
CA ILE A 29 10.79 10.44 9.71
C ILE A 29 11.45 11.80 9.61
N GLY A 30 10.75 12.74 8.98
CA GLY A 30 11.28 14.07 8.83
C GLY A 30 12.54 14.11 7.98
N PRO A 31 13.43 15.11 8.19
CA PRO A 31 14.67 15.23 7.43
C PRO A 31 15.78 14.33 7.97
N GLN A 32 15.53 13.72 9.13
CA GLN A 32 16.51 12.83 9.75
C GLN A 32 15.84 11.94 10.79
N ARG A 33 16.39 10.75 10.98
CA ARG A 33 15.86 9.81 11.96
C ARG A 33 15.85 10.41 13.36
N ARG A 1 -6.32 -15.68 -19.00
CA ARG A 1 -6.20 -15.28 -17.58
C ARG A 1 -7.56 -14.93 -16.98
N ARG A 2 -8.22 -15.93 -16.41
CA ARG A 2 -9.54 -15.73 -15.80
C ARG A 2 -9.41 -15.43 -14.31
N CYS A 3 -10.30 -14.56 -13.82
CA CYS A 3 -10.29 -14.18 -12.41
C CYS A 3 -11.68 -14.27 -11.81
N LEU A 4 -11.78 -14.85 -10.62
CA LEU A 4 -13.06 -15.01 -9.94
C LEU A 4 -13.11 -14.16 -8.66
N PHE A 5 -12.33 -14.57 -7.67
CA PHE A 5 -12.27 -13.87 -6.39
C PHE A 5 -10.84 -13.48 -6.05
N LEU A 6 -9.91 -13.87 -6.92
CA LEU A 6 -8.49 -13.57 -6.72
C LEU A 6 -8.23 -12.06 -6.65
N PRO A 7 -8.81 -11.27 -7.59
CA PRO A 7 -8.61 -9.81 -7.62
C PRO A 7 -8.85 -9.16 -6.26
N LEU A 8 -9.63 -9.82 -5.41
CA LEU A 8 -9.93 -9.29 -4.09
C LEU A 8 -8.66 -9.24 -3.22
N PHE A 9 -7.99 -10.38 -3.12
CA PHE A 9 -6.77 -10.49 -2.32
C PHE A 9 -5.74 -9.43 -2.72
N SER A 10 -5.74 -9.04 -3.99
CA SER A 10 -4.80 -8.05 -4.49
C SER A 10 -5.13 -6.65 -3.96
N PHE A 11 -6.42 -6.41 -3.70
CA PHE A 11 -6.86 -5.11 -3.18
C PHE A 11 -6.19 -4.81 -1.85
N LEU A 12 -5.98 -5.85 -1.05
CA LEU A 12 -5.33 -5.71 0.25
C LEU A 12 -3.83 -5.60 0.07
N ILE A 13 -3.34 -6.10 -1.07
CA ILE A 13 -1.92 -6.05 -1.39
C ILE A 13 -1.52 -4.66 -1.86
N VAL A 14 -2.45 -3.99 -2.53
CA VAL A 14 -2.21 -2.63 -3.04
C VAL A 14 -2.50 -1.59 -1.97
N ALA A 15 -3.47 -1.88 -1.12
CA ALA A 15 -3.85 -0.96 -0.05
C ALA A 15 -2.71 -0.76 0.93
N GLY A 16 -2.05 -1.84 1.30
CA GLY A 16 -0.94 -1.76 2.24
C GLY A 16 0.24 -0.99 1.67
N ALA A 17 0.49 -1.16 0.38
CA ALA A 17 1.59 -0.47 -0.28
C ALA A 17 1.38 1.04 -0.29
N THR A 18 0.15 1.46 -0.60
CA THR A 18 -0.17 2.88 -0.64
C THR A 18 -0.19 3.49 0.76
N THR A 19 -0.70 2.73 1.73
CA THR A 19 -0.76 3.20 3.10
C THR A 19 0.64 3.43 3.65
N LEU A 20 1.58 2.58 3.24
CA LEU A 20 2.96 2.68 3.68
C LEU A 20 3.62 3.93 3.08
N PHE A 21 3.40 4.13 1.78
CA PHE A 21 3.96 5.29 1.09
C PHE A 21 3.35 6.58 1.62
N CYS A 22 2.07 6.51 1.98
CA CYS A 22 1.35 7.67 2.50
C CYS A 22 1.64 7.87 3.99
N LEU A 23 2.05 6.80 4.66
CA LEU A 23 2.35 6.85 6.09
C LEU A 23 3.47 7.84 6.38
N LEU A 24 4.64 7.58 5.81
CA LEU A 24 5.80 8.45 6.03
C LEU A 24 5.65 9.78 5.31
N HIS A 25 4.87 9.78 4.23
CA HIS A 25 4.66 11.00 3.45
C HIS A 25 3.86 12.03 4.24
N PHE A 26 3.26 11.59 5.35
CA PHE A 26 2.47 12.48 6.20
C PHE A 26 3.31 13.64 6.70
N GLY A 27 4.62 13.46 6.70
CA GLY A 27 5.52 14.50 7.17
C GLY A 27 6.20 14.12 8.47
N VAL A 28 6.32 12.82 8.71
CA VAL A 28 6.95 12.32 9.92
C VAL A 28 8.46 12.30 9.78
N ILE A 29 8.95 12.23 8.55
CA ILE A 29 10.38 12.20 8.27
C ILE A 29 10.70 12.82 6.92
N GLY A 30 11.16 14.07 6.94
CA GLY A 30 11.52 14.75 5.71
C GLY A 30 12.63 14.02 4.98
N PRO A 31 13.12 14.55 3.84
CA PRO A 31 14.18 13.92 3.07
C PRO A 31 15.55 14.10 3.73
N GLN A 32 15.56 14.26 5.05
CA GLN A 32 16.79 14.44 5.80
C GLN A 32 17.60 15.63 5.28
N ARG A 33 16.88 16.64 4.80
CA ARG A 33 17.53 17.84 4.26
C ARG A 33 17.12 19.07 5.07
N ARG A 1 -8.33 -15.53 -20.37
CA ARG A 1 -8.04 -16.25 -19.10
C ARG A 1 -8.93 -15.73 -17.98
N ARG A 2 -9.85 -16.56 -17.51
CA ARG A 2 -10.77 -16.19 -16.44
C ARG A 2 -10.01 -15.94 -15.14
N CYS A 3 -10.13 -14.72 -14.62
CA CYS A 3 -9.47 -14.34 -13.37
C CYS A 3 -10.44 -13.64 -12.45
N LEU A 4 -10.35 -13.93 -11.15
CA LEU A 4 -11.23 -13.31 -10.17
C LEU A 4 -10.59 -13.31 -8.79
N PHE A 5 -10.09 -14.47 -8.35
CA PHE A 5 -9.46 -14.60 -7.05
C PHE A 5 -7.97 -14.23 -7.12
N LEU A 6 -7.44 -14.18 -8.34
CA LEU A 6 -6.03 -13.84 -8.54
C LEU A 6 -5.78 -12.33 -8.49
N PRO A 7 -6.57 -11.52 -9.25
CA PRO A 7 -6.39 -10.06 -9.26
C PRO A 7 -6.81 -9.41 -7.95
N LEU A 8 -7.74 -10.04 -7.24
CA LEU A 8 -8.21 -9.52 -5.97
C LEU A 8 -7.07 -9.42 -4.96
N PHE A 9 -6.25 -10.45 -4.90
CA PHE A 9 -5.11 -10.49 -3.98
C PHE A 9 -4.18 -9.30 -4.22
N SER A 10 -4.23 -8.73 -5.42
CA SER A 10 -3.40 -7.59 -5.76
C SER A 10 -3.94 -6.32 -5.11
N PHE A 11 -5.26 -6.13 -5.21
CA PHE A 11 -5.91 -4.96 -4.62
C PHE A 11 -5.79 -5.01 -3.11
N LEU A 12 -5.77 -6.22 -2.57
CA LEU A 12 -5.65 -6.43 -1.13
C LEU A 12 -4.21 -6.13 -0.70
N ILE A 13 -3.26 -6.49 -1.55
CA ILE A 13 -1.85 -6.28 -1.27
C ILE A 13 -1.46 -4.82 -1.53
N VAL A 14 -2.19 -4.16 -2.42
CA VAL A 14 -1.92 -2.78 -2.77
C VAL A 14 -2.52 -1.81 -1.75
N ALA A 15 -3.64 -2.22 -1.16
CA ALA A 15 -4.32 -1.41 -0.17
C ALA A 15 -3.39 -1.09 1.02
N GLY A 16 -2.59 -2.08 1.40
CA GLY A 16 -1.66 -1.88 2.50
C GLY A 16 -0.38 -1.18 2.08
N ALA A 17 0.01 -1.38 0.82
CA ALA A 17 1.22 -0.76 0.30
C ALA A 17 1.06 0.74 0.15
N THR A 18 -0.19 1.19 0.03
CA THR A 18 -0.49 2.61 -0.11
C THR A 18 -0.47 3.32 1.24
N THR A 19 -0.67 2.56 2.30
CA THR A 19 -0.66 3.11 3.64
C THR A 19 0.75 3.51 4.07
N LEU A 20 1.73 2.76 3.57
CA LEU A 20 3.13 3.03 3.90
C LEU A 20 3.67 4.21 3.10
N PHE A 21 3.25 4.31 1.84
CA PHE A 21 3.69 5.39 0.98
C PHE A 21 3.30 6.75 1.56
N CYS A 22 2.04 6.88 1.93
CA CYS A 22 1.54 8.12 2.51
C CYS A 22 2.05 8.31 3.93
N LEU A 23 2.42 7.21 4.57
CA LEU A 23 2.93 7.24 5.94
C LEU A 23 4.17 8.13 6.04
N LEU A 24 5.13 7.89 5.15
CA LEU A 24 6.37 8.66 5.14
C LEU A 24 6.11 10.12 4.81
N HIS A 25 5.01 10.37 4.09
CA HIS A 25 4.65 11.72 3.69
C HIS A 25 4.11 12.51 4.89
N PHE A 26 3.70 11.79 5.92
CA PHE A 26 3.16 12.42 7.13
C PHE A 26 4.21 13.29 7.81
N GLY A 27 5.48 13.07 7.47
CA GLY A 27 6.56 13.85 8.04
C GLY A 27 7.51 13.00 8.87
N VAL A 28 7.36 11.69 8.78
CA VAL A 28 8.22 10.77 9.53
C VAL A 28 9.67 10.90 9.08
N ILE A 29 9.85 11.17 7.79
CA ILE A 29 11.18 11.32 7.22
C ILE A 29 11.29 12.60 6.40
N GLY A 30 10.15 13.10 5.96
CA GLY A 30 10.12 14.31 5.15
C GLY A 30 10.47 14.05 3.70
N PRO A 31 10.85 15.09 2.94
CA PRO A 31 11.20 14.95 1.53
C PRO A 31 12.63 14.45 1.34
N GLN A 32 13.23 13.95 2.42
CA GLN A 32 14.60 13.43 2.37
C GLN A 32 15.55 14.50 1.86
N ARG A 33 15.15 15.76 2.01
CA ARG A 33 15.96 16.89 1.56
C ARG A 33 16.98 17.28 2.62
N ARG A 1 -15.32 -17.66 -18.35
CA ARG A 1 -13.95 -17.43 -18.88
C ARG A 1 -13.47 -16.02 -18.53
N ARG A 2 -14.04 -15.45 -17.47
CA ARG A 2 -13.66 -14.12 -17.03
C ARG A 2 -13.21 -14.12 -15.58
N CYS A 3 -12.07 -13.49 -15.32
CA CYS A 3 -11.53 -13.43 -13.97
C CYS A 3 -11.63 -12.02 -13.40
N LEU A 4 -12.61 -11.81 -12.51
CA LEU A 4 -12.81 -10.51 -11.89
C LEU A 4 -12.56 -10.59 -10.38
N PHE A 5 -12.61 -11.80 -9.84
CA PHE A 5 -12.38 -12.02 -8.42
C PHE A 5 -10.91 -12.31 -8.13
N LEU A 6 -10.09 -12.21 -9.15
CA LEU A 6 -8.66 -12.47 -9.01
C LEU A 6 -7.91 -11.20 -8.57
N PRO A 7 -8.14 -10.05 -9.23
CA PRO A 7 -7.48 -8.79 -8.86
C PRO A 7 -7.88 -8.31 -7.47
N LEU A 8 -8.99 -8.84 -6.97
CA LEU A 8 -9.50 -8.47 -5.65
C LEU A 8 -8.44 -8.70 -4.59
N PHE A 9 -7.75 -9.83 -4.68
CA PHE A 9 -6.70 -10.17 -3.72
C PHE A 9 -5.59 -9.11 -3.73
N SER A 10 -5.40 -8.45 -4.88
CA SER A 10 -4.38 -7.43 -5.01
C SER A 10 -4.86 -6.11 -4.42
N PHE A 11 -6.16 -5.95 -4.26
CA PHE A 11 -6.70 -4.72 -3.69
C PHE A 11 -6.36 -4.64 -2.21
N LEU A 12 -6.23 -5.80 -1.58
CA LEU A 12 -5.88 -5.87 -0.17
C LEU A 12 -4.38 -5.67 0.01
N ILE A 13 -3.63 -6.13 -0.97
CA ILE A 13 -2.17 -6.01 -0.97
C ILE A 13 -1.76 -4.59 -1.38
N VAL A 14 -2.31 -4.14 -2.50
CA VAL A 14 -2.02 -2.80 -3.02
C VAL A 14 -2.39 -1.73 -2.00
N ALA A 15 -3.39 -2.03 -1.17
CA ALA A 15 -3.85 -1.09 -0.14
C ALA A 15 -2.77 -0.87 0.92
N GLY A 16 -2.03 -1.93 1.21
CA GLY A 16 -0.97 -1.83 2.20
C GLY A 16 0.24 -1.07 1.69
N ALA A 17 0.51 -1.20 0.40
CA ALA A 17 1.65 -0.52 -0.22
C ALA A 17 1.43 0.99 -0.23
N THR A 18 0.22 1.40 -0.56
CA THR A 18 -0.12 2.82 -0.61
C THR A 18 -0.12 3.44 0.78
N THR A 19 -0.49 2.64 1.78
CA THR A 19 -0.53 3.11 3.16
C THR A 19 0.88 3.37 3.69
N LEU A 20 1.80 2.46 3.39
CA LEU A 20 3.18 2.60 3.82
C LEU A 20 3.83 3.80 3.15
N PHE A 21 3.50 4.01 1.88
CA PHE A 21 4.05 5.11 1.11
C PHE A 21 3.46 6.44 1.57
N CYS A 22 2.18 6.41 1.94
CA CYS A 22 1.49 7.59 2.41
C CYS A 22 1.81 7.88 3.88
N LEU A 23 2.25 6.84 4.60
CA LEU A 23 2.58 6.96 6.01
C LEU A 23 3.75 7.92 6.21
N LEU A 24 4.75 7.82 5.35
CA LEU A 24 5.93 8.67 5.43
C LEU A 24 5.58 10.14 5.20
N HIS A 25 4.74 10.39 4.20
CA HIS A 25 4.33 11.75 3.87
C HIS A 25 3.36 12.30 4.92
N PHE A 26 2.85 11.42 5.78
CA PHE A 26 1.92 11.84 6.82
C PHE A 26 2.56 12.88 7.74
N GLY A 27 3.89 12.89 7.79
CA GLY A 27 4.60 13.84 8.62
C GLY A 27 5.39 13.17 9.72
N VAL A 28 5.81 11.92 9.48
CA VAL A 28 6.57 11.17 10.46
C VAL A 28 8.01 11.65 10.53
N ILE A 29 8.66 11.72 9.38
CA ILE A 29 10.05 12.15 9.30
C ILE A 29 10.18 13.48 8.59
N GLY A 30 9.14 13.84 7.83
CA GLY A 30 9.15 15.09 7.10
C GLY A 30 10.32 15.20 6.13
N PRO A 31 10.54 16.39 5.54
CA PRO A 31 11.64 16.60 4.60
C PRO A 31 12.95 16.93 5.30
N GLN A 32 13.11 16.44 6.53
CA GLN A 32 14.33 16.70 7.29
C GLN A 32 14.67 15.50 8.18
N ARG A 33 15.94 15.13 8.19
CA ARG A 33 16.40 14.00 9.00
C ARG A 33 17.86 14.19 9.43
N ARG A 1 -1.85 -20.98 -11.91
CA ARG A 1 -2.33 -19.60 -12.18
C ARG A 1 -3.84 -19.58 -12.41
N ARG A 2 -4.56 -20.37 -11.63
CA ARG A 2 -6.01 -20.44 -11.75
C ARG A 2 -6.66 -19.11 -11.34
N CYS A 3 -7.54 -18.61 -12.20
CA CYS A 3 -8.23 -17.35 -11.93
C CYS A 3 -9.45 -17.55 -11.05
N LEU A 4 -9.48 -16.85 -9.92
CA LEU A 4 -10.60 -16.95 -8.98
C LEU A 4 -10.65 -15.75 -8.06
N PHE A 5 -9.59 -15.59 -7.26
CA PHE A 5 -9.50 -14.47 -6.32
C PHE A 5 -8.12 -13.85 -6.35
N LEU A 6 -7.34 -14.18 -7.37
CA LEU A 6 -5.98 -13.66 -7.51
C LEU A 6 -6.00 -12.17 -7.87
N PRO A 7 -6.82 -11.76 -8.88
CA PRO A 7 -6.89 -10.36 -9.29
C PRO A 7 -7.24 -9.43 -8.13
N LEU A 8 -8.12 -9.90 -7.26
CA LEU A 8 -8.55 -9.12 -6.09
C LEU A 8 -7.53 -9.23 -4.96
N PHE A 9 -6.73 -10.30 -5.00
CA PHE A 9 -5.72 -10.53 -3.97
C PHE A 9 -4.68 -9.42 -3.97
N SER A 10 -4.48 -8.80 -5.13
CA SER A 10 -3.50 -7.71 -5.25
C SER A 10 -4.05 -6.42 -4.65
N PHE A 11 -5.37 -6.35 -4.49
CA PHE A 11 -6.01 -5.18 -3.91
C PHE A 11 -5.69 -5.10 -2.42
N LEU A 12 -5.57 -6.25 -1.79
CA LEU A 12 -5.25 -6.31 -0.38
C LEU A 12 -3.75 -6.08 -0.22
N ILE A 13 -3.03 -6.33 -1.31
CA ILE A 13 -1.59 -6.14 -1.36
C ILE A 13 -1.25 -4.69 -1.70
N VAL A 14 -2.15 -4.05 -2.45
CA VAL A 14 -1.98 -2.67 -2.87
C VAL A 14 -2.48 -1.71 -1.79
N ALA A 15 -3.52 -2.14 -1.07
CA ALA A 15 -4.10 -1.33 0.00
C ALA A 15 -3.06 -1.00 1.06
N GLY A 16 -2.17 -1.95 1.33
CA GLY A 16 -1.13 -1.75 2.32
C GLY A 16 0.03 -0.93 1.78
N ALA A 17 0.26 -1.04 0.49
CA ALA A 17 1.35 -0.30 -0.16
C ALA A 17 1.03 1.18 -0.25
N THR A 18 -0.27 1.50 -0.27
CA THR A 18 -0.71 2.89 -0.36
C THR A 18 -0.63 3.57 1.00
N THR A 19 -1.23 2.94 2.01
CA THR A 19 -1.23 3.49 3.36
C THR A 19 0.19 3.70 3.85
N LEU A 20 1.06 2.73 3.57
CA LEU A 20 2.46 2.81 3.97
C LEU A 20 3.18 3.90 3.19
N PHE A 21 2.81 4.05 1.92
CA PHE A 21 3.41 5.07 1.06
C PHE A 21 3.25 6.46 1.66
N CYS A 22 1.99 6.89 1.82
CA CYS A 22 1.70 8.19 2.38
C CYS A 22 2.14 8.28 3.84
N LEU A 23 2.25 7.13 4.49
CA LEU A 23 2.65 7.06 5.89
C LEU A 23 3.98 7.79 6.12
N LEU A 24 4.94 7.54 5.25
CA LEU A 24 6.26 8.17 5.36
C LEU A 24 6.18 9.67 5.09
N HIS A 25 5.34 10.04 4.12
CA HIS A 25 5.17 11.45 3.76
C HIS A 25 4.37 12.19 4.82
N PHE A 26 3.74 11.44 5.72
CA PHE A 26 2.94 12.03 6.78
C PHE A 26 3.80 12.91 7.69
N GLY A 27 5.11 12.70 7.64
CA GLY A 27 6.02 13.47 8.45
C GLY A 27 6.74 12.64 9.49
N VAL A 28 6.89 11.34 9.20
CA VAL A 28 7.56 10.44 10.12
C VAL A 28 9.08 10.63 10.07
N ILE A 29 9.57 11.11 8.95
CA ILE A 29 11.00 11.34 8.77
C ILE A 29 11.27 12.76 8.26
N GLY A 30 10.26 13.37 7.66
CA GLY A 30 10.41 14.71 7.14
C GLY A 30 10.74 14.72 5.65
N PRO A 31 11.82 15.43 5.25
CA PRO A 31 12.23 15.49 3.84
C PRO A 31 12.41 14.11 3.21
N GLN A 32 12.78 13.14 4.04
CA GLN A 32 12.98 11.77 3.57
C GLN A 32 13.97 11.72 2.42
N ARG A 33 15.25 11.55 2.75
CA ARG A 33 16.30 11.49 1.75
C ARG A 33 16.58 10.04 1.35
N ARG A 1 -12.01 -23.33 -13.71
CA ARG A 1 -12.42 -22.99 -15.10
C ARG A 1 -12.14 -21.51 -15.40
N ARG A 2 -12.13 -20.70 -14.35
CA ARG A 2 -11.87 -19.27 -14.49
C ARG A 2 -11.28 -18.71 -13.21
N CYS A 3 -10.49 -17.64 -13.33
CA CYS A 3 -9.86 -17.01 -12.18
C CYS A 3 -10.63 -15.77 -11.73
N LEU A 4 -11.09 -15.78 -10.49
CA LEU A 4 -11.83 -14.65 -9.93
C LEU A 4 -11.47 -14.43 -8.47
N PHE A 5 -10.63 -15.31 -7.93
CA PHE A 5 -10.21 -15.22 -6.54
C PHE A 5 -8.72 -14.95 -6.42
N LEU A 6 -8.06 -14.79 -7.57
CA LEU A 6 -6.62 -14.53 -7.60
C LEU A 6 -6.32 -13.02 -7.55
N PRO A 7 -7.00 -12.20 -8.38
CA PRO A 7 -6.77 -10.75 -8.41
C PRO A 7 -7.26 -10.05 -7.14
N LEU A 8 -8.17 -10.71 -6.42
CA LEU A 8 -8.72 -10.15 -5.19
C LEU A 8 -7.64 -10.04 -4.12
N PHE A 9 -6.79 -11.05 -4.03
CA PHE A 9 -5.72 -11.08 -3.04
C PHE A 9 -4.72 -9.94 -3.27
N SER A 10 -4.61 -9.49 -4.53
CA SER A 10 -3.69 -8.41 -4.86
C SER A 10 -4.21 -7.07 -4.40
N PHE A 11 -5.54 -6.91 -4.38
CA PHE A 11 -6.15 -5.66 -3.96
C PHE A 11 -5.75 -5.33 -2.52
N LEU A 12 -5.74 -6.35 -1.67
CA LEU A 12 -5.35 -6.18 -0.27
C LEU A 12 -3.85 -5.93 -0.17
N ILE A 13 -3.14 -6.27 -1.24
CA ILE A 13 -1.70 -6.09 -1.30
C ILE A 13 -1.34 -4.67 -1.72
N VAL A 14 -2.15 -4.09 -2.59
CA VAL A 14 -1.93 -2.72 -3.06
C VAL A 14 -2.45 -1.71 -2.06
N ALA A 15 -3.46 -2.10 -1.29
CA ALA A 15 -4.05 -1.23 -0.28
C ALA A 15 -3.04 -0.89 0.80
N GLY A 16 -2.33 -1.91 1.29
CA GLY A 16 -1.34 -1.70 2.33
C GLY A 16 -0.14 -0.92 1.82
N ALA A 17 0.08 -0.95 0.51
CA ALA A 17 1.19 -0.24 -0.10
C ALA A 17 0.98 1.26 -0.07
N THR A 18 -0.27 1.67 -0.27
CA THR A 18 -0.61 3.09 -0.26
C THR A 18 -0.57 3.67 1.15
N THR A 19 -0.96 2.85 2.13
CA THR A 19 -0.96 3.27 3.52
C THR A 19 0.47 3.49 4.02
N LEU A 20 1.40 2.69 3.50
CA LEU A 20 2.80 2.80 3.90
C LEU A 20 3.47 3.98 3.21
N PHE A 21 3.24 4.10 1.91
CA PHE A 21 3.81 5.19 1.12
C PHE A 21 3.37 6.54 1.67
N CYS A 22 2.12 6.63 2.09
CA CYS A 22 1.57 7.86 2.64
C CYS A 22 1.98 8.03 4.10
N LEU A 23 2.31 6.92 4.74
CA LEU A 23 2.73 6.95 6.14
C LEU A 23 3.97 7.82 6.32
N LEU A 24 4.93 7.65 5.42
CA LEU A 24 6.17 8.41 5.46
C LEU A 24 5.95 9.83 4.92
N HIS A 25 5.08 9.94 3.93
CA HIS A 25 4.77 11.23 3.32
C HIS A 25 4.08 12.16 4.32
N PHE A 26 3.66 11.58 5.44
CA PHE A 26 2.97 12.35 6.49
C PHE A 26 3.82 13.52 6.98
N GLY A 27 5.13 13.45 6.73
CA GLY A 27 6.02 14.51 7.15
C GLY A 27 7.05 14.04 8.16
N VAL A 28 7.39 12.77 8.10
CA VAL A 28 8.37 12.18 9.02
C VAL A 28 9.78 12.29 8.45
N ILE A 29 10.00 13.27 7.59
CA ILE A 29 11.31 13.47 6.97
C ILE A 29 12.03 14.68 7.59
N GLY A 30 12.31 15.70 6.77
CA GLY A 30 13.00 16.87 7.26
C GLY A 30 12.06 18.00 7.66
N PRO A 31 11.73 18.90 6.71
CA PRO A 31 10.82 20.02 6.98
C PRO A 31 9.37 19.59 7.15
N GLN A 32 9.16 18.27 7.29
CA GLN A 32 7.83 17.71 7.46
C GLN A 32 6.90 18.08 6.31
N ARG A 33 7.41 17.96 5.09
CA ARG A 33 6.63 18.27 3.90
C ARG A 33 5.99 17.01 3.33
N ARG A 1 -10.79 -21.33 -16.03
CA ARG A 1 -10.94 -21.19 -14.57
C ARG A 1 -10.72 -19.75 -14.13
N ARG A 2 -11.49 -19.31 -13.15
CA ARG A 2 -11.38 -17.95 -12.63
C ARG A 2 -11.53 -17.93 -11.12
N CYS A 3 -10.48 -17.49 -10.43
CA CYS A 3 -10.49 -17.42 -8.98
C CYS A 3 -11.33 -16.24 -8.49
N LEU A 4 -12.01 -16.45 -7.37
CA LEU A 4 -12.86 -15.39 -6.80
C LEU A 4 -12.23 -14.82 -5.54
N PHE A 5 -11.36 -15.60 -4.90
CA PHE A 5 -10.70 -15.16 -3.68
C PHE A 5 -9.38 -14.47 -3.99
N LEU A 6 -9.13 -14.22 -5.27
CA LEU A 6 -7.91 -13.54 -5.70
C LEU A 6 -8.12 -12.04 -5.87
N PRO A 7 -9.18 -11.60 -6.58
CA PRO A 7 -9.46 -10.18 -6.79
C PRO A 7 -9.52 -9.41 -5.47
N LEU A 8 -10.10 -10.03 -4.45
CA LEU A 8 -10.21 -9.40 -3.14
C LEU A 8 -8.85 -9.37 -2.45
N PHE A 9 -8.15 -10.50 -2.48
CA PHE A 9 -6.84 -10.62 -1.85
C PHE A 9 -5.84 -9.63 -2.43
N SER A 10 -6.10 -9.16 -3.65
CA SER A 10 -5.22 -8.21 -4.31
C SER A 10 -5.50 -6.77 -3.86
N PHE A 11 -6.76 -6.48 -3.52
CA PHE A 11 -7.15 -5.14 -3.09
C PHE A 11 -6.38 -4.70 -1.84
N LEU A 12 -6.45 -5.50 -0.78
CA LEU A 12 -5.75 -5.16 0.45
C LEU A 12 -4.25 -5.27 0.27
N ILE A 13 -3.83 -6.02 -0.75
CA ILE A 13 -2.41 -6.18 -1.06
C ILE A 13 -1.85 -4.89 -1.65
N VAL A 14 -2.67 -4.22 -2.45
CA VAL A 14 -2.27 -2.97 -3.09
C VAL A 14 -2.40 -1.79 -2.12
N ALA A 15 -3.48 -1.78 -1.36
CA ALA A 15 -3.73 -0.72 -0.39
C ALA A 15 -2.62 -0.67 0.66
N GLY A 16 -2.13 -1.85 1.03
CA GLY A 16 -1.07 -1.92 2.03
C GLY A 16 0.21 -1.27 1.57
N ALA A 17 0.51 -1.38 0.28
CA ALA A 17 1.72 -0.79 -0.30
C ALA A 17 1.60 0.72 -0.35
N THR A 18 0.41 1.22 -0.69
CA THR A 18 0.17 2.65 -0.77
C THR A 18 0.11 3.29 0.62
N THR A 19 -0.29 2.50 1.61
CA THR A 19 -0.39 2.98 2.98
C THR A 19 1.00 3.26 3.55
N LEU A 20 1.92 2.34 3.31
CA LEU A 20 3.29 2.47 3.80
C LEU A 20 3.98 3.68 3.16
N PHE A 21 3.76 3.86 1.86
CA PHE A 21 4.37 4.97 1.13
C PHE A 21 3.81 6.31 1.61
N CYS A 22 2.49 6.40 1.71
CA CYS A 22 1.83 7.62 2.15
C CYS A 22 2.07 7.87 3.63
N LEU A 23 2.37 6.80 4.37
CA LEU A 23 2.60 6.89 5.80
C LEU A 23 3.69 7.93 6.12
N LEU A 24 4.69 8.01 5.25
CA LEU A 24 5.78 8.96 5.44
C LEU A 24 5.28 10.40 5.33
N HIS A 25 4.25 10.61 4.52
CA HIS A 25 3.68 11.94 4.33
C HIS A 25 2.85 12.36 5.54
N PHE A 26 2.45 11.38 6.35
CA PHE A 26 1.65 11.65 7.54
C PHE A 26 2.35 12.64 8.47
N GLY A 27 3.68 12.66 8.40
CA GLY A 27 4.45 13.55 9.25
C GLY A 27 5.34 12.81 10.21
N VAL A 28 5.60 11.54 9.92
CA VAL A 28 6.45 10.71 10.77
C VAL A 28 7.87 11.25 10.81
N ILE A 29 8.28 11.90 9.74
CA ILE A 29 9.62 12.47 9.64
C ILE A 29 9.58 13.96 9.33
N GLY A 30 8.44 14.42 8.86
CA GLY A 30 8.27 15.82 8.53
C GLY A 30 9.03 16.21 7.27
N PRO A 31 9.33 17.51 7.08
CA PRO A 31 10.07 17.98 5.91
C PRO A 31 11.57 17.76 6.03
N GLN A 32 11.95 16.62 6.60
CA GLN A 32 13.36 16.28 6.79
C GLN A 32 14.08 17.35 7.61
N ARG A 33 14.11 17.15 8.93
CA ARG A 33 14.76 18.10 9.83
C ARG A 33 16.12 17.57 10.28
#